data_1MQ8
#
_entry.id   1MQ8
#
_cell.length_a   46.560
_cell.length_b   62.868
_cell.length_c   81.517
_cell.angle_alpha   95.39
_cell.angle_beta   106.67
_cell.angle_gamma   90.00
#
_symmetry.space_group_name_H-M   'P 1'
#
loop_
_entity.id
_entity.type
_entity.pdbx_description
1 polymer 'intercellular adhesion molecule-1'
2 polymer 'Integrin alpha-L'
3 branched 2-acetamido-2-deoxy-beta-D-glucopyranose-(1-4)-2-acetamido-2-deoxy-beta-D-glucopyranose
4 non-polymer 2-acetamido-2-deoxy-beta-D-glucopyranose
5 non-polymer 'MAGNESIUM ION'
6 water water
#
loop_
_entity_poly.entity_id
_entity_poly.type
_entity_poly.pdbx_seq_one_letter_code
_entity_poly.pdbx_strand_id
1 'polypeptide(L)'
;QTSVSPSKVILPRGGSVLVTCSTSCDQPKLLGIETPLPKKELLLPGNNRKVYELSNVQEDSQPMCYSNCPDGQSTAKTFL
TVYWTPERVELAPLPSWQPVGKNLTLRCQVEGGAPRANLTVVLLRGEKELKREPAVGEPAEVTTTVLVRRDHHGANFSCR
TELDLRPQGLELFENTSAPYQLQTFVLPATPPQLVSPRVLEVDTQGTVVCSLDGLFPVSEAQVHLALGDQRLNPTVTYGN
DSFSAKASVSVTAEDEGTQRLTCAVILGNQSQETLQTVTIYSFPAPNVILT
;
A,C
2 'polypeptide(L)'
;VDLVFLFDGSMSLQPDEFQKILDFMKDVMKKCSNTSYQFAAVQFSTSYKTEFDFSDYVKRKDPDALLKHVKHMLLLTNTF
GAINYVATEVFREELGARPDATKVLIIITDGEATDSGNIDAAKDIIRYIIGIGKHFQTKESQETLHKFASKPASEFVKIL
DTFEKLKDLCTELQKKI
;
B,D
#
# COMPACT_ATOMS: atom_id res chain seq x y z
N GLN A 1 20.46 4.35 -7.49
CA GLN A 1 20.33 3.19 -6.56
C GLN A 1 19.08 3.35 -5.70
N THR A 2 18.14 4.17 -6.16
CA THR A 2 16.89 4.45 -5.43
C THR A 2 15.94 3.26 -5.44
N SER A 3 14.77 3.46 -4.84
CA SER A 3 13.74 2.46 -4.71
C SER A 3 12.52 3.04 -4.02
N VAL A 4 11.35 2.47 -4.27
CA VAL A 4 10.16 3.00 -3.65
C VAL A 4 9.07 1.97 -3.58
N SER A 5 8.21 2.15 -2.59
CA SER A 5 7.08 1.26 -2.43
C SER A 5 5.91 1.95 -1.75
N PRO A 6 4.69 1.49 -2.07
CA PRO A 6 4.40 0.38 -3.01
C PRO A 6 4.63 0.81 -4.46
N SER A 7 4.92 -0.13 -5.35
CA SER A 7 5.20 0.28 -6.73
C SER A 7 3.92 0.59 -7.48
N LYS A 8 2.86 -0.08 -7.10
CA LYS A 8 1.60 0.19 -7.75
C LYS A 8 0.54 0.34 -6.69
N VAL A 9 -0.50 1.10 -6.98
CA VAL A 9 -1.56 1.34 -6.02
C VAL A 9 -2.82 1.66 -6.80
N ILE A 10 -3.98 1.36 -6.23
CA ILE A 10 -5.25 1.70 -6.86
C ILE A 10 -6.06 2.28 -5.73
N LEU A 11 -6.60 3.48 -5.90
CA LEU A 11 -7.39 4.09 -4.84
C LEU A 11 -8.40 5.14 -5.30
N PRO A 12 -9.43 5.39 -4.46
CA PRO A 12 -10.47 6.36 -4.79
C PRO A 12 -10.00 7.79 -4.57
N ARG A 13 -10.75 8.72 -5.12
CA ARG A 13 -10.41 10.12 -5.00
C ARG A 13 -10.41 10.56 -3.55
N GLY A 14 -9.60 11.57 -3.27
CA GLY A 14 -9.51 12.13 -1.93
C GLY A 14 -8.82 11.19 -0.98
N GLY A 15 -8.65 9.96 -1.43
CA GLY A 15 -8.00 8.98 -0.59
C GLY A 15 -6.59 9.44 -0.33
N SER A 16 -5.91 8.72 0.56
CA SER A 16 -4.53 9.07 0.86
C SER A 16 -3.71 7.79 0.84
N VAL A 17 -2.43 7.96 0.55
CA VAL A 17 -1.51 6.85 0.51
C VAL A 17 -0.19 7.21 1.20
N LEU A 18 0.58 6.19 1.54
CA LEU A 18 1.88 6.35 2.18
C LEU A 18 2.92 5.80 1.21
N VAL A 19 4.07 6.47 1.11
CA VAL A 19 5.11 5.97 0.22
C VAL A 19 6.49 6.04 0.86
N THR A 20 7.29 5.01 0.66
CA THR A 20 8.59 5.02 1.27
C THR A 20 9.74 5.17 0.27
N CYS A 21 10.28 6.39 0.20
CA CYS A 21 11.41 6.66 -0.67
C CYS A 21 12.61 6.09 0.06
N SER A 22 13.05 4.90 -0.36
CA SER A 22 14.22 4.24 0.22
C SER A 22 15.41 4.46 -0.70
N THR A 23 16.59 4.07 -0.24
CA THR A 23 17.80 4.21 -1.04
C THR A 23 18.94 3.43 -0.43
N SER A 24 19.91 3.05 -1.25
CA SER A 24 21.05 2.28 -0.79
C SER A 24 22.34 2.98 -1.09
N CYS A 25 22.74 3.89 -0.20
CA CYS A 25 24.00 4.60 -0.38
C CYS A 25 24.75 4.65 0.93
N ASP A 26 26.08 4.72 0.81
CA ASP A 26 26.96 4.79 1.97
C ASP A 26 26.54 6.01 2.81
N GLN A 27 26.17 7.09 2.11
CA GLN A 27 25.73 8.34 2.73
C GLN A 27 25.18 9.28 1.65
N PRO A 28 23.86 9.20 1.38
CA PRO A 28 23.18 10.04 0.38
C PRO A 28 23.10 11.51 0.80
N LYS A 29 23.33 12.42 -0.14
CA LYS A 29 23.28 13.84 0.18
C LYS A 29 21.87 14.47 0.10
N LEU A 30 20.89 13.68 -0.33
CA LEU A 30 19.52 14.17 -0.45
C LEU A 30 18.54 13.06 -0.78
N LEU A 31 17.34 13.16 -0.22
CA LEU A 31 16.25 12.21 -0.45
C LEU A 31 14.92 12.95 -0.38
N GLY A 32 14.05 12.67 -1.36
CA GLY A 32 12.76 13.30 -1.43
C GLY A 32 11.83 12.63 -2.42
N ILE A 33 10.61 13.14 -2.49
CA ILE A 33 9.59 12.61 -3.41
C ILE A 33 9.12 13.73 -4.35
N GLU A 34 8.78 13.40 -5.59
CA GLU A 34 8.35 14.39 -6.56
C GLU A 34 6.91 14.22 -6.97
N THR A 35 6.01 15.04 -6.41
CA THR A 35 4.60 14.94 -6.79
C THR A 35 3.86 16.24 -6.69
N PRO A 36 2.74 16.36 -7.44
CA PRO A 36 1.85 17.52 -7.49
C PRO A 36 0.89 17.39 -6.29
N LEU A 37 0.82 16.17 -5.75
CA LEU A 37 -0.03 15.86 -4.61
C LEU A 37 0.49 16.44 -3.31
N PRO A 38 -0.42 16.71 -2.36
CA PRO A 38 -0.08 17.26 -1.04
C PRO A 38 0.81 16.28 -0.29
N LYS A 39 2.02 16.71 0.07
CA LYS A 39 2.91 15.84 0.81
C LYS A 39 2.95 16.15 2.31
N LYS A 40 3.10 15.09 3.11
CA LYS A 40 3.18 15.20 4.57
C LYS A 40 4.14 14.10 4.99
N GLU A 41 5.32 14.45 5.51
CA GLU A 41 6.27 13.44 5.93
C GLU A 41 6.00 12.79 7.30
N LEU A 42 6.48 11.55 7.47
CA LEU A 42 6.30 10.79 8.71
C LEU A 42 7.48 10.81 9.67
N LEU A 43 7.74 9.69 10.31
CA LEU A 43 8.81 9.55 11.30
C LEU A 43 10.21 10.05 10.97
N LEU A 44 10.95 10.31 12.06
CA LEU A 44 12.34 10.77 12.06
C LEU A 44 13.34 9.58 12.06
N PRO A 45 13.02 8.49 12.80
CA PRO A 45 13.89 7.29 12.88
C PRO A 45 14.22 6.69 11.51
N GLY A 46 15.53 6.55 11.27
CA GLY A 46 16.04 6.03 10.02
C GLY A 46 16.84 7.15 9.35
N ASN A 47 17.50 6.85 8.23
CA ASN A 47 18.31 7.84 7.49
C ASN A 47 18.17 7.74 5.99
N ASN A 48 18.28 6.51 5.47
CA ASN A 48 18.19 6.21 4.04
C ASN A 48 16.88 5.57 3.71
N ARG A 49 15.81 6.02 4.40
CA ARG A 49 14.44 5.54 4.21
C ARG A 49 13.54 6.64 4.72
N LYS A 50 12.59 7.04 3.88
CA LYS A 50 11.68 8.14 4.18
C LYS A 50 10.26 7.84 3.75
N VAL A 51 9.30 8.05 4.65
CA VAL A 51 7.91 7.81 4.34
C VAL A 51 7.10 9.11 4.35
N TYR A 52 6.17 9.21 3.42
CA TYR A 52 5.31 10.38 3.28
C TYR A 52 3.86 9.90 3.29
N GLU A 53 3.00 10.83 2.93
CA GLU A 53 1.58 10.56 2.82
C GLU A 53 0.96 11.49 1.80
N LEU A 54 0.72 10.92 0.63
CA LEU A 54 0.12 11.62 -0.47
C LEU A 54 -1.39 11.66 -0.23
N SER A 55 -1.93 12.85 -0.02
CA SER A 55 -3.33 12.99 0.28
C SER A 55 -4.15 13.67 -0.77
N ASN A 56 -5.46 13.44 -0.70
CA ASN A 56 -6.42 14.05 -1.63
C ASN A 56 -6.11 13.87 -3.13
N VAL A 57 -5.67 12.67 -3.53
CA VAL A 57 -5.36 12.39 -4.94
C VAL A 57 -6.61 12.18 -5.76
N GLN A 58 -6.83 13.00 -6.78
CA GLN A 58 -8.03 12.85 -7.59
C GLN A 58 -7.79 12.27 -8.99
N GLU A 59 -6.64 12.60 -9.59
CA GLU A 59 -6.27 12.08 -10.91
C GLU A 59 -5.22 10.97 -10.78
N ASP A 60 -5.12 10.09 -11.76
CA ASP A 60 -4.14 9.01 -11.70
C ASP A 60 -2.74 9.64 -11.63
N SER A 61 -2.25 9.87 -10.42
CA SER A 61 -0.93 10.47 -10.26
C SER A 61 0.19 9.41 -10.29
N GLN A 62 1.43 9.87 -10.36
CA GLN A 62 2.60 8.99 -10.42
C GLN A 62 3.83 9.61 -9.75
N PRO A 63 3.91 9.55 -8.41
CA PRO A 63 4.99 10.08 -7.58
C PRO A 63 6.35 9.59 -8.03
N MET A 64 7.37 10.39 -7.73
CA MET A 64 8.72 10.03 -8.13
C MET A 64 9.75 10.25 -7.03
N CYS A 65 10.23 9.16 -6.44
CA CYS A 65 11.23 9.23 -5.39
C CYS A 65 12.59 9.41 -6.02
N TYR A 66 13.32 10.42 -5.55
CA TYR A 66 14.67 10.70 -6.07
C TYR A 66 15.72 10.52 -4.96
N SER A 67 16.97 10.77 -5.29
CA SER A 67 18.04 10.67 -4.35
C SER A 67 19.35 11.14 -4.94
N ASN A 68 19.98 12.11 -4.30
CA ASN A 68 21.26 12.58 -4.77
C ASN A 68 22.27 11.81 -3.97
N CYS A 69 22.76 10.74 -4.58
CA CYS A 69 23.77 9.92 -3.96
C CYS A 69 25.11 10.40 -4.52
N PRO A 70 26.21 10.14 -3.80
CA PRO A 70 27.53 10.56 -4.28
C PRO A 70 27.71 10.05 -5.71
N ASP A 71 27.38 8.77 -5.91
CA ASP A 71 27.49 8.12 -7.20
C ASP A 71 26.67 8.92 -8.20
N GLY A 72 25.49 9.36 -7.76
CA GLY A 72 24.64 10.16 -8.61
C GLY A 72 23.20 10.21 -8.14
N GLN A 73 22.38 10.99 -8.85
CA GLN A 73 20.97 11.10 -8.54
C GLN A 73 20.23 10.05 -9.35
N SER A 74 19.44 9.23 -8.66
CA SER A 74 18.66 8.18 -9.31
C SER A 74 17.15 8.39 -9.03
N THR A 75 16.32 7.58 -9.68
CA THR A 75 14.88 7.71 -9.49
C THR A 75 14.08 6.41 -9.46
N ALA A 76 13.11 6.39 -8.54
CA ALA A 76 12.19 5.28 -8.32
C ALA A 76 10.78 5.82 -8.48
N LYS A 77 10.04 5.25 -9.42
CA LYS A 77 8.69 5.69 -9.72
C LYS A 77 7.58 4.74 -9.32
N THR A 78 6.57 5.30 -8.68
CA THR A 78 5.41 4.57 -8.24
C THR A 78 4.26 5.04 -9.12
N PHE A 79 3.16 4.29 -9.10
CA PHE A 79 1.97 4.60 -9.91
C PHE A 79 0.67 4.63 -9.12
N LEU A 80 0.05 5.81 -8.99
CA LEU A 80 -1.21 5.90 -8.26
C LEU A 80 -2.36 5.90 -9.23
N THR A 81 -3.29 4.96 -9.01
CA THR A 81 -4.47 4.79 -9.86
C THR A 81 -5.71 5.15 -9.08
N VAL A 82 -6.53 6.03 -9.63
CA VAL A 82 -7.75 6.43 -8.97
C VAL A 82 -8.94 5.78 -9.68
N TYR A 83 -9.88 5.23 -8.88
CA TYR A 83 -11.08 4.56 -9.39
C TYR A 83 -12.32 5.16 -8.73
N TRP A 84 -13.41 5.29 -9.48
CA TRP A 84 -14.64 5.87 -8.93
C TRP A 84 -15.94 5.55 -9.69
N THR A 85 -17.05 5.44 -8.98
CA THR A 85 -18.34 5.17 -9.59
C THR A 85 -18.94 6.45 -10.20
N PRO A 86 -19.38 6.36 -11.50
CA PRO A 86 -19.95 7.52 -12.23
C PRO A 86 -21.01 8.40 -11.53
N GLU A 87 -21.24 9.56 -12.09
CA GLU A 87 -22.22 10.56 -11.63
C GLU A 87 -23.62 10.02 -11.90
N ARG A 88 -23.94 9.81 -13.16
CA ARG A 88 -25.23 9.26 -13.48
C ARG A 88 -25.14 8.26 -14.62
N VAL A 89 -25.87 7.17 -14.46
CA VAL A 89 -25.92 6.08 -15.42
C VAL A 89 -27.26 6.03 -16.17
N GLU A 90 -28.21 6.86 -15.75
CA GLU A 90 -29.53 6.96 -16.36
C GLU A 90 -29.58 6.94 -17.91
N LEU A 91 -30.68 6.44 -18.43
CA LEU A 91 -30.87 6.38 -19.87
C LEU A 91 -31.93 7.38 -20.31
N ALA A 92 -31.83 7.75 -21.58
CA ALA A 92 -32.67 8.73 -22.26
C ALA A 92 -34.16 8.44 -22.35
N PRO A 93 -34.96 9.32 -21.73
CA PRO A 93 -36.42 9.27 -21.65
C PRO A 93 -37.25 9.29 -22.90
N LEU A 94 -38.01 8.20 -22.99
CA LEU A 94 -39.04 7.92 -23.98
C LEU A 94 -40.33 7.80 -23.14
N PRO A 95 -41.49 8.04 -23.75
CA PRO A 95 -42.77 7.94 -23.03
C PRO A 95 -43.23 6.52 -22.85
N SER A 96 -43.94 6.28 -21.75
CA SER A 96 -44.47 4.97 -21.37
C SER A 96 -45.12 4.08 -22.43
N TRP A 97 -46.06 4.62 -23.20
CA TRP A 97 -46.79 3.86 -24.21
C TRP A 97 -46.15 3.90 -25.57
N GLN A 98 -46.19 2.77 -26.28
CA GLN A 98 -45.61 2.64 -27.62
C GLN A 98 -46.30 1.57 -28.49
N PRO A 99 -46.43 1.83 -29.81
CA PRO A 99 -47.04 0.96 -30.82
C PRO A 99 -46.17 -0.28 -31.08
N VAL A 100 -46.70 -1.49 -30.91
CA VAL A 100 -45.89 -2.70 -31.13
C VAL A 100 -45.33 -2.81 -32.54
N GLY A 101 -44.15 -3.41 -32.64
CA GLY A 101 -43.48 -3.54 -33.93
C GLY A 101 -42.91 -2.18 -34.31
N LYS A 102 -42.16 -1.60 -33.37
CA LYS A 102 -41.55 -0.29 -33.57
C LYS A 102 -40.06 -0.49 -33.32
N ASN A 103 -39.21 -0.16 -34.31
CA ASN A 103 -37.76 -0.31 -34.15
C ASN A 103 -37.18 0.85 -33.34
N LEU A 104 -37.83 1.15 -32.22
CA LEU A 104 -37.43 2.23 -31.34
C LEU A 104 -36.02 2.03 -30.77
N THR A 105 -35.40 3.15 -30.40
CA THR A 105 -34.04 3.18 -29.86
C THR A 105 -33.92 3.33 -28.33
N LEU A 106 -33.05 2.51 -27.76
CA LEU A 106 -32.76 2.54 -26.33
C LEU A 106 -31.40 3.17 -26.20
N ARG A 107 -31.35 4.36 -25.63
CA ARG A 107 -30.07 5.06 -25.46
C ARG A 107 -29.75 5.22 -23.98
N CYS A 108 -28.50 4.98 -23.63
CA CYS A 108 -28.07 5.13 -22.26
C CYS A 108 -26.76 5.88 -22.22
N GLN A 109 -26.63 6.77 -21.25
CA GLN A 109 -25.38 7.53 -21.11
C GLN A 109 -24.82 7.52 -19.67
N VAL A 110 -23.51 7.28 -19.55
CA VAL A 110 -22.86 7.26 -18.25
C VAL A 110 -21.81 8.37 -18.23
N GLU A 111 -21.75 9.12 -17.13
CA GLU A 111 -20.77 10.21 -17.04
C GLU A 111 -19.79 10.06 -15.90
N GLY A 112 -18.57 9.65 -16.26
CA GLY A 112 -17.52 9.45 -15.27
C GLY A 112 -17.13 7.99 -15.14
N GLY A 113 -16.55 7.63 -14.01
CA GLY A 113 -16.14 6.25 -13.79
C GLY A 113 -14.72 5.98 -14.25
N ALA A 114 -13.88 5.47 -13.35
CA ALA A 114 -12.49 5.15 -13.65
C ALA A 114 -12.03 4.00 -12.74
N PRO A 115 -11.04 3.19 -13.17
CA PRO A 115 -10.34 3.30 -14.46
C PRO A 115 -11.22 2.89 -15.65
N ARG A 116 -11.30 3.81 -16.61
CA ARG A 116 -12.11 3.64 -17.80
C ARG A 116 -11.85 2.46 -18.69
N ALA A 117 -10.76 1.75 -18.48
CA ALA A 117 -10.48 0.58 -19.31
C ALA A 117 -11.08 -0.65 -18.64
N ASN A 118 -11.69 -0.44 -17.48
CA ASN A 118 -12.30 -1.52 -16.73
C ASN A 118 -13.85 -1.41 -16.64
N LEU A 119 -14.36 -0.20 -16.88
CA LEU A 119 -15.79 0.11 -16.84
C LEU A 119 -16.56 -0.25 -18.10
N THR A 120 -17.49 -1.19 -17.97
CA THR A 120 -18.37 -1.60 -19.08
C THR A 120 -19.80 -1.16 -18.81
N VAL A 121 -20.54 -1.02 -19.88
CA VAL A 121 -21.92 -0.61 -19.81
C VAL A 121 -22.80 -1.66 -20.47
N VAL A 122 -24.00 -1.82 -19.94
CA VAL A 122 -24.93 -2.80 -20.49
C VAL A 122 -26.42 -2.39 -20.45
N LEU A 123 -27.04 -2.38 -21.62
CA LEU A 123 -28.44 -2.04 -21.73
C LEU A 123 -29.17 -3.37 -21.55
N LEU A 124 -30.35 -3.34 -20.92
CA LEU A 124 -31.09 -4.56 -20.71
C LEU A 124 -32.56 -4.41 -20.32
N ARG A 125 -33.39 -5.31 -20.84
CA ARG A 125 -34.82 -5.36 -20.54
C ARG A 125 -34.95 -6.42 -19.45
N GLY A 126 -34.70 -6.03 -18.22
CA GLY A 126 -34.77 -6.99 -17.13
C GLY A 126 -33.45 -7.75 -17.08
N GLU A 127 -33.39 -8.82 -16.31
CA GLU A 127 -32.18 -9.63 -16.16
C GLU A 127 -31.65 -10.28 -17.45
N LYS A 128 -31.94 -9.70 -18.61
CA LYS A 128 -31.46 -10.26 -19.86
C LYS A 128 -30.50 -9.29 -20.45
N GLU A 129 -29.26 -9.72 -20.71
CA GLU A 129 -28.24 -8.85 -21.31
C GLU A 129 -28.57 -8.40 -22.75
N LEU A 130 -28.87 -7.11 -22.92
CA LEU A 130 -29.20 -6.62 -24.25
C LEU A 130 -27.98 -6.15 -25.04
N LYS A 131 -26.97 -5.63 -24.34
CA LYS A 131 -25.75 -5.19 -24.99
C LYS A 131 -24.71 -4.70 -23.98
N ARG A 132 -23.55 -5.35 -23.96
CA ARG A 132 -22.45 -4.98 -23.06
C ARG A 132 -21.32 -4.34 -23.85
N GLU A 133 -21.10 -3.05 -23.61
CA GLU A 133 -20.03 -2.31 -24.29
C GLU A 133 -19.30 -1.37 -23.34
N PRO A 134 -17.97 -1.20 -23.52
CA PRO A 134 -17.11 -0.33 -22.70
C PRO A 134 -17.42 1.16 -22.82
N ALA A 135 -17.46 1.85 -21.67
CA ALA A 135 -17.75 3.27 -21.62
C ALA A 135 -16.80 4.10 -22.49
N VAL A 136 -17.39 4.69 -23.54
CA VAL A 136 -16.68 5.53 -24.52
C VAL A 136 -17.09 7.00 -24.41
N GLY A 137 -16.12 7.86 -24.17
CA GLY A 137 -16.38 9.29 -24.06
C GLY A 137 -17.00 9.82 -22.79
N GLU A 138 -17.56 11.03 -22.88
CA GLU A 138 -18.19 11.67 -21.74
C GLU A 138 -19.30 12.60 -22.24
N PRO A 139 -20.57 12.21 -22.02
CA PRO A 139 -20.97 10.96 -21.37
C PRO A 139 -20.82 9.78 -22.33
N ALA A 140 -20.85 8.57 -21.80
CA ALA A 140 -20.69 7.39 -22.62
C ALA A 140 -21.93 7.03 -23.41
N GLU A 141 -21.85 7.30 -24.71
CA GLU A 141 -22.93 7.01 -25.64
C GLU A 141 -23.04 5.51 -25.85
N VAL A 142 -24.25 4.98 -25.71
CA VAL A 142 -24.50 3.56 -25.93
C VAL A 142 -25.94 3.38 -26.40
N THR A 143 -26.15 2.60 -27.46
CA THR A 143 -27.50 2.42 -28.00
C THR A 143 -27.77 1.10 -28.71
N THR A 144 -29.00 0.60 -28.52
CA THR A 144 -29.45 -0.64 -29.15
C THR A 144 -30.94 -0.53 -29.44
N THR A 145 -31.29 -0.60 -30.71
CA THR A 145 -32.68 -0.50 -31.15
C THR A 145 -33.53 -1.70 -30.78
N VAL A 146 -34.41 -1.52 -29.81
CA VAL A 146 -35.29 -2.58 -29.36
C VAL A 146 -36.61 -2.54 -30.09
N LEU A 147 -37.13 -3.75 -30.28
CA LEU A 147 -38.41 -4.00 -30.93
C LEU A 147 -39.57 -4.16 -29.95
N VAL A 148 -40.77 -4.14 -30.44
CA VAL A 148 -41.90 -4.35 -29.55
C VAL A 148 -42.69 -5.54 -30.12
N ARG A 149 -42.42 -6.73 -29.60
CA ARG A 149 -43.27 -7.90 -29.91
C ARG A 149 -44.01 -8.74 -28.85
N ARG A 150 -43.26 -9.58 -28.13
CA ARG A 150 -43.90 -10.68 -27.34
C ARG A 150 -43.44 -10.52 -25.91
N ASP A 151 -42.16 -10.20 -25.74
CA ASP A 151 -41.55 -9.97 -24.43
C ASP A 151 -41.82 -8.50 -24.09
N HIS A 152 -42.57 -7.86 -24.99
CA HIS A 152 -42.97 -6.47 -24.89
C HIS A 152 -44.48 -6.47 -24.76
N HIS A 153 -44.93 -6.10 -23.56
CA HIS A 153 -46.34 -6.08 -23.18
C HIS A 153 -46.58 -5.20 -21.96
N GLY A 154 -45.48 -4.80 -21.31
CA GLY A 154 -45.54 -3.96 -20.13
C GLY A 154 -44.25 -4.22 -19.36
N ALA A 155 -43.14 -4.13 -20.08
CA ALA A 155 -41.80 -4.38 -19.55
C ALA A 155 -41.08 -3.19 -18.91
N ASN A 156 -39.98 -3.50 -18.23
CA ASN A 156 -39.14 -2.51 -17.56
C ASN A 156 -37.68 -2.63 -18.06
N PHE A 157 -37.23 -1.63 -18.83
CA PHE A 157 -35.88 -1.58 -19.39
C PHE A 157 -35.00 -0.75 -18.47
N SER A 158 -33.71 -1.06 -18.43
CA SER A 158 -32.78 -0.35 -17.56
C SER A 158 -31.35 -0.41 -18.08
N CYS A 159 -30.49 0.41 -17.48
CA CYS A 159 -29.08 0.52 -17.84
C CYS A 159 -28.16 0.46 -16.63
N ARG A 160 -27.23 -0.48 -16.66
CA ARG A 160 -26.27 -0.64 -15.56
C ARG A 160 -24.83 -0.49 -16.01
N THR A 161 -23.95 -0.25 -15.03
CA THR A 161 -22.51 -0.11 -15.26
C THR A 161 -21.85 -1.14 -14.39
N GLU A 162 -20.75 -1.73 -14.89
CA GLU A 162 -19.96 -2.74 -14.17
C GLU A 162 -18.46 -2.39 -14.26
N LEU A 163 -17.87 -1.98 -13.14
CA LEU A 163 -16.45 -1.62 -13.03
C LEU A 163 -15.72 -2.73 -12.30
N ASP A 164 -15.01 -3.56 -13.06
CA ASP A 164 -14.32 -4.72 -12.53
C ASP A 164 -12.94 -4.48 -11.96
N LEU A 165 -12.86 -4.38 -10.65
CA LEU A 165 -11.57 -4.21 -9.98
C LEU A 165 -11.33 -5.47 -9.21
N ARG A 166 -12.07 -6.50 -9.60
CA ARG A 166 -11.93 -7.81 -9.03
C ARG A 166 -10.58 -8.39 -9.45
N PRO A 167 -10.09 -8.09 -10.69
CA PRO A 167 -8.80 -8.65 -11.03
C PRO A 167 -7.67 -8.14 -10.12
N GLN A 168 -8.02 -7.24 -9.20
CA GLN A 168 -7.07 -6.72 -8.24
C GLN A 168 -7.67 -6.61 -6.82
N GLY A 169 -8.22 -7.73 -6.36
CA GLY A 169 -8.78 -7.79 -5.03
C GLY A 169 -9.96 -6.94 -4.62
N LEU A 170 -10.30 -5.88 -5.36
CA LEU A 170 -11.46 -5.08 -4.95
C LEU A 170 -12.75 -5.80 -5.32
N GLU A 171 -13.85 -5.07 -5.38
CA GLU A 171 -15.12 -5.67 -5.75
C GLU A 171 -15.58 -5.19 -7.13
N LEU A 172 -16.73 -5.68 -7.58
CA LEU A 172 -17.27 -5.25 -8.86
C LEU A 172 -18.15 -4.06 -8.50
N PHE A 173 -17.80 -2.89 -8.99
CA PHE A 173 -18.57 -1.70 -8.68
C PHE A 173 -19.53 -1.38 -9.79
N GLU A 174 -20.80 -1.71 -9.55
CA GLU A 174 -21.87 -1.49 -10.51
C GLU A 174 -22.99 -0.59 -10.00
N ASN A 175 -23.63 0.14 -10.91
CA ASN A 175 -24.75 1.00 -10.54
C ASN A 175 -25.92 0.85 -11.50
N THR A 176 -27.09 0.47 -10.98
CA THR A 176 -28.28 0.31 -11.82
C THR A 176 -28.92 1.68 -12.04
N SER A 177 -29.69 1.82 -13.12
CA SER A 177 -30.37 3.07 -13.46
C SER A 177 -31.90 3.03 -13.37
N ALA A 178 -32.51 4.21 -13.25
CA ALA A 178 -33.96 4.34 -13.16
C ALA A 178 -34.56 3.59 -14.33
N PRO A 179 -35.51 2.70 -14.05
CA PRO A 179 -36.23 1.83 -14.99
C PRO A 179 -36.98 2.52 -16.09
N TYR A 180 -37.32 1.76 -17.11
CA TYR A 180 -38.10 2.29 -18.22
C TYR A 180 -39.45 1.60 -18.23
N GLN A 181 -40.46 2.29 -17.72
CA GLN A 181 -41.82 1.76 -17.67
C GLN A 181 -42.46 1.75 -19.08
N LEU A 182 -42.25 0.64 -19.80
CA LEU A 182 -42.80 0.45 -21.14
C LEU A 182 -44.13 -0.26 -21.03
N GLN A 183 -45.12 0.25 -21.75
CA GLN A 183 -46.46 -0.32 -21.74
C GLN A 183 -47.01 -0.55 -23.13
N THR A 184 -47.70 -1.67 -23.30
CA THR A 184 -48.32 -2.08 -24.57
C THR A 184 -48.68 -3.58 -24.57
N VAL B 1 19.37 45.26 -21.76
CA VAL B 1 19.31 44.20 -20.71
C VAL B 1 18.91 42.86 -21.30
N ASP B 2 19.80 41.90 -21.16
CA ASP B 2 19.54 40.55 -21.66
C ASP B 2 18.94 39.72 -20.54
N LEU B 3 17.61 39.75 -20.47
CA LEU B 3 16.84 39.01 -19.47
C LEU B 3 16.58 37.56 -19.86
N VAL B 4 16.43 36.73 -18.83
CA VAL B 4 16.17 35.30 -19.04
C VAL B 4 15.09 34.75 -18.10
N PHE B 5 14.22 33.94 -18.70
CA PHE B 5 13.15 33.28 -17.98
C PHE B 5 13.63 31.84 -17.75
N LEU B 6 13.60 31.43 -16.49
CA LEU B 6 14.01 30.09 -16.11
C LEU B 6 12.80 29.44 -15.39
N PHE B 7 11.94 28.80 -16.16
CA PHE B 7 10.73 28.19 -15.61
C PHE B 7 10.85 26.71 -15.26
N ASP B 8 10.08 26.35 -14.22
CA ASP B 8 10.00 25.01 -13.61
C ASP B 8 9.10 24.02 -14.38
N GLY B 9 9.73 23.05 -15.04
CA GLY B 9 8.98 22.07 -15.78
C GLY B 9 9.00 20.71 -15.09
N SER B 10 8.92 20.73 -13.76
CA SER B 10 8.93 19.49 -12.97
C SER B 10 7.54 18.97 -12.68
N MET B 11 7.46 17.67 -12.39
CA MET B 11 6.19 17.00 -12.07
C MET B 11 5.35 17.69 -11.00
N SER B 12 6.03 18.23 -10.00
CA SER B 12 5.40 18.80 -8.83
C SER B 12 4.44 19.95 -9.04
N LEU B 13 4.34 20.42 -10.27
CA LEU B 13 3.42 21.48 -10.59
C LEU B 13 2.21 20.86 -11.30
N GLN B 14 1.02 21.31 -10.90
CA GLN B 14 -0.23 20.81 -11.49
C GLN B 14 -0.12 21.06 -12.98
N PRO B 15 -0.55 20.09 -13.81
CA PRO B 15 -0.50 20.20 -15.27
C PRO B 15 -0.99 21.52 -15.83
N ASP B 16 -1.76 22.24 -15.02
CA ASP B 16 -2.29 23.53 -15.41
C ASP B 16 -1.27 24.60 -15.12
N GLU B 17 -0.75 24.60 -13.88
CA GLU B 17 0.24 25.56 -13.40
C GLU B 17 1.38 25.85 -14.36
N PHE B 18 1.60 24.93 -15.30
CA PHE B 18 2.64 25.03 -16.33
C PHE B 18 2.24 26.14 -17.28
N GLN B 19 0.97 26.10 -17.70
CA GLN B 19 0.38 27.07 -18.62
C GLN B 19 0.05 28.39 -17.94
N LYS B 20 -0.16 28.37 -16.62
CA LYS B 20 -0.45 29.61 -15.88
C LYS B 20 0.86 30.38 -15.75
N ILE B 21 1.96 29.63 -15.76
CA ILE B 21 3.32 30.16 -15.69
C ILE B 21 3.64 30.92 -16.98
N LEU B 22 3.37 30.27 -18.10
CA LEU B 22 3.61 30.86 -19.41
C LEU B 22 2.89 32.20 -19.55
N ASP B 23 1.63 32.21 -19.13
CA ASP B 23 0.81 33.41 -19.17
C ASP B 23 1.58 34.56 -18.53
N PHE B 24 2.23 34.28 -17.41
CA PHE B 24 3.03 35.28 -16.70
C PHE B 24 4.23 35.68 -17.52
N MET B 25 4.92 34.69 -18.08
CA MET B 25 6.07 35.00 -18.89
C MET B 25 5.61 36.05 -19.90
N LYS B 26 4.47 35.83 -20.52
CA LYS B 26 3.92 36.77 -21.49
C LYS B 26 3.44 38.09 -20.83
N ASP B 27 3.04 38.03 -19.56
CA ASP B 27 2.59 39.23 -18.84
C ASP B 27 3.70 40.27 -18.77
N VAL B 28 4.95 39.83 -18.90
CA VAL B 28 6.10 40.74 -18.83
C VAL B 28 6.75 40.88 -20.18
N MET B 29 6.99 39.75 -20.84
CA MET B 29 7.64 39.68 -22.15
C MET B 29 6.93 40.46 -23.27
N LYS B 30 5.82 39.92 -23.78
CA LYS B 30 5.07 40.56 -24.86
C LYS B 30 4.57 41.97 -24.49
N LYS B 31 4.30 42.17 -23.20
CA LYS B 31 3.85 43.47 -22.74
C LYS B 31 4.99 44.46 -22.89
N CYS B 32 6.23 43.96 -22.75
CA CYS B 32 7.40 44.80 -22.92
C CYS B 32 8.21 44.39 -24.16
N SER B 33 7.52 44.27 -25.30
CA SER B 33 8.14 43.88 -26.57
C SER B 33 8.94 45.04 -27.18
N ASN B 34 9.03 46.12 -26.43
CA ASN B 34 9.77 47.31 -26.84
C ASN B 34 11.22 46.96 -27.15
N THR B 35 11.80 47.64 -28.13
CA THR B 35 13.17 47.40 -28.55
C THR B 35 14.17 47.52 -27.38
N SER B 36 15.39 47.02 -27.60
CA SER B 36 16.45 47.03 -26.59
C SER B 36 16.04 46.18 -25.38
N TYR B 37 15.31 45.11 -25.66
CA TYR B 37 14.84 44.20 -24.64
C TYR B 37 14.87 42.76 -25.14
N GLN B 38 15.92 42.04 -24.74
CA GLN B 38 16.14 40.65 -25.12
C GLN B 38 15.78 39.64 -24.02
N PHE B 39 15.25 38.49 -24.43
CA PHE B 39 14.85 37.44 -23.50
C PHE B 39 15.22 36.03 -23.97
N ALA B 40 15.04 35.07 -23.06
CA ALA B 40 15.33 33.66 -23.30
C ALA B 40 14.43 32.79 -22.41
N ALA B 41 14.57 31.47 -22.53
CA ALA B 41 13.74 30.56 -21.76
C ALA B 41 14.38 29.19 -21.58
N VAL B 42 14.43 28.74 -20.34
CA VAL B 42 14.99 27.44 -19.99
C VAL B 42 14.12 26.72 -18.99
N GLN B 43 13.48 25.66 -19.47
CA GLN B 43 12.61 24.82 -18.66
C GLN B 43 13.46 23.81 -17.93
N PHE B 44 13.44 23.85 -16.60
CA PHE B 44 14.24 22.92 -15.82
C PHE B 44 13.42 21.93 -15.03
N SER B 45 13.91 20.69 -14.97
CA SER B 45 13.28 19.60 -14.25
C SER B 45 14.45 18.73 -13.77
N THR B 46 14.60 17.54 -14.33
CA THR B 46 15.71 16.66 -13.97
C THR B 46 16.84 17.01 -14.93
N SER B 47 16.47 17.58 -16.07
CA SER B 47 17.40 17.98 -17.11
C SER B 47 17.14 19.41 -17.55
N TYR B 48 17.91 19.90 -18.53
CA TYR B 48 17.74 21.27 -19.01
C TYR B 48 17.74 21.37 -20.53
N LYS B 49 17.12 22.43 -21.03
CA LYS B 49 17.04 22.74 -22.44
C LYS B 49 16.63 24.18 -22.62
N THR B 50 17.27 24.85 -23.56
CA THR B 50 16.94 26.23 -23.87
C THR B 50 15.76 26.14 -24.83
N GLU B 51 14.57 26.51 -24.34
CA GLU B 51 13.34 26.49 -25.13
C GLU B 51 13.47 27.32 -26.40
N PHE B 52 13.90 28.56 -26.21
CA PHE B 52 14.15 29.46 -27.32
C PHE B 52 15.36 30.33 -26.99
N ASP B 53 16.33 30.28 -27.89
CA ASP B 53 17.57 31.04 -27.75
C ASP B 53 17.34 32.47 -28.25
N PHE B 54 18.35 33.32 -28.09
CA PHE B 54 18.25 34.70 -28.56
C PHE B 54 18.17 34.75 -30.09
N SER B 55 18.96 33.89 -30.75
CA SER B 55 19.01 33.81 -32.21
C SER B 55 17.63 33.71 -32.85
N ASP B 56 16.86 32.72 -32.43
CA ASP B 56 15.50 32.53 -32.95
C ASP B 56 14.50 33.42 -32.23
N TYR B 57 14.98 34.10 -31.18
CA TYR B 57 14.15 35.01 -30.38
C TYR B 57 13.75 36.30 -31.10
N VAL B 58 14.74 37.08 -31.52
CA VAL B 58 14.48 38.34 -32.21
C VAL B 58 14.22 38.16 -33.72
N LYS B 59 13.71 37.00 -34.08
CA LYS B 59 13.41 36.64 -35.47
C LYS B 59 11.91 36.71 -35.72
N ARG B 60 11.14 36.19 -34.79
CA ARG B 60 9.68 36.18 -34.87
C ARG B 60 9.16 36.52 -33.47
N LYS B 61 9.54 37.71 -33.01
CA LYS B 61 9.17 38.24 -31.70
C LYS B 61 7.69 38.15 -31.31
N ASP B 62 7.39 37.13 -30.51
CA ASP B 62 6.05 36.81 -29.99
C ASP B 62 6.10 35.47 -29.24
N PRO B 63 5.71 35.45 -27.95
CA PRO B 63 5.70 34.27 -27.09
C PRO B 63 4.62 33.23 -27.47
N ASP B 64 4.41 33.04 -28.77
CA ASP B 64 3.42 32.11 -29.30
C ASP B 64 4.03 31.52 -30.57
N ALA B 65 5.27 31.91 -30.83
CA ALA B 65 6.02 31.47 -31.98
C ALA B 65 7.33 30.86 -31.53
N LEU B 66 7.67 31.07 -30.26
CA LEU B 66 8.90 30.55 -29.67
C LEU B 66 8.65 29.35 -28.77
N LEU B 67 7.38 29.06 -28.54
CA LEU B 67 6.96 27.95 -27.71
C LEU B 67 6.27 26.92 -28.62
N LYS B 68 6.83 26.78 -29.82
CA LYS B 68 6.33 25.87 -30.85
C LYS B 68 6.33 24.41 -30.49
N HIS B 69 7.43 23.95 -29.91
CA HIS B 69 7.54 22.55 -29.53
C HIS B 69 7.83 22.29 -28.06
N VAL B 70 7.12 23.00 -27.20
CA VAL B 70 7.27 22.85 -25.76
C VAL B 70 6.56 21.55 -25.37
N LYS B 71 7.23 20.73 -24.59
CA LYS B 71 6.69 19.46 -24.11
C LYS B 71 6.93 19.38 -22.60
N HIS B 72 5.84 19.32 -21.83
CA HIS B 72 5.92 19.21 -20.37
C HIS B 72 6.59 17.89 -19.98
N MET B 73 7.86 18.00 -19.54
CA MET B 73 8.69 16.86 -19.12
C MET B 73 8.21 16.20 -17.83
N LEU B 74 8.00 17.04 -16.82
CA LEU B 74 7.50 16.65 -15.51
C LEU B 74 8.32 15.65 -14.72
N LEU B 75 9.62 15.87 -14.61
CA LEU B 75 10.46 14.97 -13.85
C LEU B 75 10.82 15.67 -12.55
N LEU B 76 12.10 15.69 -12.17
CA LEU B 76 12.50 16.34 -10.92
C LEU B 76 12.64 17.86 -11.00
N THR B 77 13.45 18.46 -10.14
CA THR B 77 13.58 19.91 -10.14
C THR B 77 14.99 20.37 -9.76
N ASN B 78 15.93 20.21 -10.67
CA ASN B 78 17.30 20.60 -10.40
C ASN B 78 17.41 22.10 -10.48
N THR B 79 17.01 22.77 -9.39
CA THR B 79 17.01 24.23 -9.33
C THR B 79 18.40 24.84 -9.44
N PHE B 80 19.35 24.28 -8.72
CA PHE B 80 20.69 24.81 -8.78
C PHE B 80 21.34 24.65 -10.14
N GLY B 81 21.40 23.40 -10.61
CA GLY B 81 22.00 23.11 -11.89
C GLY B 81 21.30 23.81 -13.04
N ALA B 82 20.15 24.39 -12.76
CA ALA B 82 19.40 25.11 -13.77
C ALA B 82 20.01 26.48 -13.92
N ILE B 83 20.23 27.12 -12.77
CA ILE B 83 20.83 28.45 -12.70
C ILE B 83 22.24 28.40 -13.30
N ASN B 84 22.92 27.28 -13.07
CA ASN B 84 24.26 27.07 -13.57
C ASN B 84 24.28 26.65 -15.05
N TYR B 85 23.12 26.74 -15.70
CA TYR B 85 22.98 26.41 -17.13
C TYR B 85 22.77 27.72 -17.84
N VAL B 86 22.00 28.61 -17.20
CA VAL B 86 21.73 29.93 -17.74
C VAL B 86 23.07 30.64 -17.82
N ALA B 87 23.93 30.35 -16.84
CA ALA B 87 25.26 30.92 -16.79
C ALA B 87 26.12 30.38 -17.94
N THR B 88 26.62 29.15 -17.79
CA THR B 88 27.49 28.54 -18.79
C THR B 88 26.98 28.30 -20.19
N GLU B 89 25.84 27.64 -20.36
CA GLU B 89 25.38 27.39 -21.72
C GLU B 89 24.12 28.13 -22.17
N VAL B 90 24.05 29.43 -21.86
CA VAL B 90 22.90 30.27 -22.23
C VAL B 90 23.32 31.72 -22.57
N PHE B 91 23.98 32.34 -21.61
CA PHE B 91 24.47 33.72 -21.76
C PHE B 91 25.74 33.83 -22.60
N ARG B 92 26.12 32.74 -23.23
CA ARG B 92 27.32 32.73 -24.08
C ARG B 92 27.07 33.63 -25.28
N GLU B 93 27.98 34.58 -25.49
CA GLU B 93 27.90 35.53 -26.59
C GLU B 93 27.57 34.84 -27.91
N GLU B 94 28.11 33.63 -28.09
CA GLU B 94 27.89 32.85 -29.31
C GLU B 94 26.42 32.77 -29.74
N LEU B 95 25.54 32.39 -28.81
CA LEU B 95 24.13 32.30 -29.15
C LEU B 95 23.60 33.63 -29.70
N GLY B 96 23.55 34.66 -28.86
CA GLY B 96 23.06 35.95 -29.32
C GLY B 96 22.80 36.95 -28.22
N ALA B 97 23.83 37.18 -27.39
CA ALA B 97 23.75 38.13 -26.28
C ALA B 97 24.61 39.37 -26.53
N ARG B 98 24.14 40.52 -26.06
CA ARG B 98 24.84 41.80 -26.21
C ARG B 98 25.64 42.11 -24.94
N PRO B 99 26.98 42.27 -25.07
CA PRO B 99 27.91 42.58 -23.96
C PRO B 99 27.52 43.72 -23.05
N ASP B 100 27.38 44.91 -23.62
CA ASP B 100 27.01 46.11 -22.86
C ASP B 100 25.51 46.10 -22.53
N ALA B 101 25.08 45.05 -21.82
CA ALA B 101 23.68 44.87 -21.42
C ALA B 101 23.62 44.07 -20.11
N THR B 102 22.64 44.37 -19.27
CA THR B 102 22.48 43.69 -17.99
C THR B 102 21.79 42.32 -18.12
N LYS B 103 22.46 41.28 -17.63
CA LYS B 103 21.96 39.90 -17.67
C LYS B 103 21.02 39.55 -16.50
N VAL B 104 19.72 39.56 -16.78
CA VAL B 104 18.71 39.26 -15.78
C VAL B 104 18.34 37.77 -15.76
N LEU B 105 17.87 37.32 -14.61
CA LEU B 105 17.50 35.93 -14.41
C LEU B 105 16.12 35.88 -13.75
N ILE B 106 15.14 35.39 -14.50
CA ILE B 106 13.78 35.23 -13.99
C ILE B 106 13.53 33.75 -13.76
N ILE B 107 13.72 33.30 -12.52
CA ILE B 107 13.53 31.90 -12.15
C ILE B 107 12.07 31.67 -11.75
N ILE B 108 11.47 30.64 -12.29
CA ILE B 108 10.08 30.32 -11.99
C ILE B 108 10.04 28.88 -11.50
N THR B 109 9.69 28.70 -10.22
CA THR B 109 9.62 27.39 -9.59
C THR B 109 8.91 27.46 -8.23
N ASP B 110 8.24 26.36 -7.85
CA ASP B 110 7.52 26.30 -6.57
C ASP B 110 8.44 26.41 -5.37
N GLY B 111 9.73 26.57 -5.64
CA GLY B 111 10.72 26.68 -4.58
C GLY B 111 10.98 25.38 -3.86
N GLU B 112 11.12 24.30 -4.62
CA GLU B 112 11.39 22.97 -4.08
C GLU B 112 12.54 22.34 -4.88
N ALA B 113 13.71 22.27 -4.26
CA ALA B 113 14.87 21.72 -4.94
C ALA B 113 14.97 20.21 -4.77
N THR B 114 15.48 19.55 -5.82
CA THR B 114 15.68 18.09 -5.82
C THR B 114 17.17 17.79 -5.73
N ASP B 115 17.95 18.84 -5.50
CA ASP B 115 19.39 18.72 -5.37
C ASP B 115 19.93 19.96 -4.67
N SER B 116 21.12 19.85 -4.08
CA SER B 116 21.73 20.97 -3.40
C SER B 116 22.98 21.35 -4.16
N GLY B 117 22.90 22.43 -4.93
CA GLY B 117 24.05 22.88 -5.69
C GLY B 117 24.57 24.22 -5.18
N ASN B 118 25.22 24.97 -6.07
CA ASN B 118 25.76 26.28 -5.71
C ASN B 118 25.71 27.17 -6.95
N ILE B 119 25.24 28.41 -6.76
CA ILE B 119 25.12 29.37 -7.84
C ILE B 119 26.21 30.42 -7.88
N ASP B 120 27.28 30.23 -7.13
CA ASP B 120 28.38 31.19 -7.11
C ASP B 120 28.92 31.40 -8.52
N ALA B 121 28.67 30.43 -9.40
CA ALA B 121 29.12 30.51 -10.79
C ALA B 121 28.43 31.61 -11.59
N ALA B 122 27.49 32.30 -10.95
CA ALA B 122 26.72 33.37 -11.56
C ALA B 122 26.03 34.23 -10.49
N LYS B 123 26.70 34.37 -9.33
CA LYS B 123 26.20 35.15 -8.18
C LYS B 123 26.00 36.66 -8.49
N ASP B 124 26.47 37.08 -9.65
CA ASP B 124 26.38 38.48 -10.10
C ASP B 124 25.08 38.79 -10.86
N ILE B 125 24.46 37.75 -11.43
CA ILE B 125 23.23 37.89 -12.21
C ILE B 125 22.01 38.32 -11.41
N ILE B 126 21.18 39.16 -12.05
CA ILE B 126 19.97 39.67 -11.43
C ILE B 126 18.94 38.55 -11.31
N ARG B 127 18.80 38.01 -10.10
CA ARG B 127 17.84 36.93 -9.85
C ARG B 127 16.41 37.44 -9.72
N TYR B 128 15.44 36.56 -9.98
CA TYR B 128 14.03 36.90 -9.93
C TYR B 128 13.13 35.67 -9.86
N ILE B 129 13.20 34.95 -8.74
CA ILE B 129 12.40 33.74 -8.53
C ILE B 129 10.93 33.96 -8.11
N ILE B 130 10.04 33.27 -8.81
CA ILE B 130 8.60 33.37 -8.56
C ILE B 130 7.90 32.05 -8.19
N GLY B 131 7.40 31.99 -6.96
CA GLY B 131 6.71 30.80 -6.46
C GLY B 131 5.44 30.53 -7.23
N ILE B 132 4.85 29.35 -7.03
CA ILE B 132 3.62 29.00 -7.75
C ILE B 132 2.87 27.78 -7.19
N GLY B 133 3.56 26.95 -6.42
CA GLY B 133 2.92 25.75 -5.90
C GLY B 133 2.05 25.79 -4.65
N LYS B 134 2.37 24.88 -3.74
CA LYS B 134 1.68 24.69 -2.46
C LYS B 134 2.77 24.40 -1.43
N HIS B 135 3.82 23.73 -1.88
CA HIS B 135 4.96 23.38 -1.04
C HIS B 135 5.58 24.57 -0.32
N PHE B 136 5.44 25.76 -0.92
CA PHE B 136 6.12 26.98 -0.42
C PHE B 136 5.28 27.36 0.80
N GLN B 137 5.49 26.64 1.95
CA GLN B 137 4.89 27.03 3.23
C GLN B 137 5.80 27.23 4.48
N THR B 138 6.36 26.16 5.03
CA THR B 138 6.94 26.27 6.43
C THR B 138 8.45 26.52 6.19
N LYS B 139 9.12 27.06 7.21
CA LYS B 139 10.55 27.37 7.14
C LYS B 139 11.39 26.09 7.32
N GLU B 140 10.90 25.18 8.18
CA GLU B 140 11.57 23.90 8.49
C GLU B 140 12.02 23.12 7.24
N SER B 141 11.23 23.24 6.17
CA SER B 141 11.48 22.57 4.91
C SER B 141 11.74 23.62 3.83
N GLN B 142 10.75 24.48 3.61
CA GLN B 142 10.87 25.53 2.62
C GLN B 142 11.67 26.73 3.09
N GLU B 143 12.88 26.85 2.55
CA GLU B 143 13.82 27.92 2.88
C GLU B 143 14.66 28.33 1.68
N THR B 144 14.80 27.42 0.72
CA THR B 144 15.62 27.66 -0.49
C THR B 144 15.12 28.80 -1.37
N LEU B 145 13.92 29.30 -1.06
CA LEU B 145 13.37 30.42 -1.79
C LEU B 145 14.16 31.68 -1.33
N HIS B 146 14.92 31.53 -0.25
CA HIS B 146 15.76 32.60 0.30
C HIS B 146 17.20 32.48 -0.22
N LYS B 147 17.57 31.27 -0.63
CA LYS B 147 18.90 30.96 -1.17
C LYS B 147 19.34 31.81 -2.35
N PHE B 148 18.43 32.00 -3.31
CA PHE B 148 18.72 32.78 -4.50
C PHE B 148 18.30 34.24 -4.36
N ALA B 149 17.99 34.65 -3.13
CA ALA B 149 17.58 36.02 -2.85
C ALA B 149 18.78 36.98 -2.93
N SER B 150 18.51 38.20 -3.33
CA SER B 150 19.54 39.22 -3.48
C SER B 150 19.43 40.32 -2.40
N LYS B 151 18.54 41.29 -2.62
CA LYS B 151 18.34 42.40 -1.67
C LYS B 151 17.30 42.04 -0.60
N PRO B 152 17.29 42.78 0.54
CA PRO B 152 16.36 42.56 1.67
C PRO B 152 14.91 42.18 1.32
N ALA B 153 14.28 41.45 2.23
CA ALA B 153 12.89 41.00 2.07
C ALA B 153 11.95 42.16 1.69
N SER B 154 11.79 42.34 0.39
CA SER B 154 10.94 43.41 -0.15
C SER B 154 9.87 42.84 -1.09
N GLU B 155 10.20 42.84 -2.38
CA GLU B 155 9.31 42.33 -3.41
C GLU B 155 10.07 41.26 -4.18
N PHE B 156 10.81 40.43 -3.45
CA PHE B 156 11.59 39.34 -4.05
C PHE B 156 10.85 38.02 -3.85
N VAL B 157 10.33 37.84 -2.63
CA VAL B 157 9.58 36.66 -2.25
C VAL B 157 8.35 37.07 -1.44
N LYS B 158 7.18 37.02 -2.08
CA LYS B 158 5.93 37.37 -1.44
C LYS B 158 4.95 36.20 -1.47
N ILE B 159 3.67 36.50 -1.27
CA ILE B 159 2.63 35.48 -1.28
C ILE B 159 2.31 34.96 -2.68
N LEU B 160 2.76 35.65 -3.72
CA LEU B 160 2.49 35.43 -5.14
C LEU B 160 2.73 33.98 -5.56
N ASP B 161 1.92 33.04 -5.05
CA ASP B 161 2.05 31.63 -5.46
C ASP B 161 1.31 31.54 -6.80
N THR B 162 0.97 32.72 -7.31
CA THR B 162 0.28 32.93 -8.57
C THR B 162 0.71 34.36 -8.90
N PHE B 163 1.83 34.46 -9.61
CA PHE B 163 2.41 35.72 -10.07
C PHE B 163 1.44 36.55 -10.92
N GLU B 164 0.29 35.94 -11.23
CA GLU B 164 -0.79 36.59 -11.99
C GLU B 164 -1.35 37.68 -11.08
N LYS B 165 -1.16 37.48 -9.77
CA LYS B 165 -1.60 38.43 -8.78
C LYS B 165 -0.54 39.54 -8.80
N LEU B 166 -0.46 40.25 -9.93
CA LEU B 166 0.48 41.34 -10.14
C LEU B 166 0.26 41.92 -11.54
N LYS B 167 0.26 43.25 -11.65
CA LYS B 167 0.05 43.89 -12.94
C LYS B 167 1.29 43.80 -13.85
N ASP B 168 1.36 44.71 -14.82
CA ASP B 168 2.46 44.77 -15.78
C ASP B 168 3.79 45.20 -15.14
N LEU B 169 4.70 44.24 -15.07
CA LEU B 169 6.02 44.44 -14.49
C LEU B 169 6.99 45.18 -15.41
N CYS B 170 6.48 46.11 -16.22
CA CYS B 170 7.39 46.85 -17.09
C CYS B 170 8.08 47.87 -16.19
N THR B 171 7.45 49.02 -15.99
CA THR B 171 8.03 50.09 -15.15
C THR B 171 8.30 49.62 -13.69
N GLU B 172 7.83 48.42 -13.35
CA GLU B 172 8.01 47.83 -12.03
C GLU B 172 9.29 46.98 -11.98
N LEU B 173 9.53 46.18 -13.01
CA LEU B 173 10.73 45.33 -13.08
C LEU B 173 11.97 46.10 -13.47
N GLN B 174 11.79 47.35 -13.91
CA GLN B 174 12.92 48.18 -14.28
C GLN B 174 13.44 48.75 -12.96
N LYS B 175 14.32 47.99 -12.31
CA LYS B 175 14.92 48.41 -11.04
C LYS B 175 16.27 49.05 -11.32
N LYS B 176 16.78 48.79 -12.52
CA LYS B 176 18.04 49.32 -13.01
C LYS B 176 18.05 49.11 -14.52
N ILE B 177 16.90 49.30 -15.14
CA ILE B 177 16.73 49.13 -16.58
C ILE B 177 16.40 50.45 -17.28
N GLN C 1 -16.89 0.78 14.42
CA GLN C 1 -16.76 1.93 13.48
C GLN C 1 -15.32 2.05 12.99
N THR C 2 -14.56 0.95 13.09
CA THR C 2 -13.15 0.91 12.68
C THR C 2 -12.97 0.97 11.16
N SER C 3 -11.73 0.88 10.71
CA SER C 3 -11.36 0.96 9.32
C SER C 3 -9.85 0.78 9.17
N VAL C 4 -9.41 0.32 8.02
CA VAL C 4 -7.99 0.11 7.85
C VAL C 4 -7.61 0.11 6.40
N SER C 5 -6.37 0.49 6.15
CA SER C 5 -5.85 0.50 4.81
C SER C 5 -4.35 0.29 4.77
N PRO C 6 -3.86 -0.31 3.66
CA PRO C 6 -4.65 -0.77 2.51
C PRO C 6 -5.46 -2.02 2.84
N SER C 7 -6.56 -2.27 2.15
CA SER C 7 -7.35 -3.44 2.50
C SER C 7 -6.76 -4.70 1.96
N LYS C 8 -6.07 -4.59 0.85
CA LYS C 8 -5.43 -5.76 0.29
C LYS C 8 -4.02 -5.39 -0.08
N VAL C 9 -3.12 -6.36 -0.07
CA VAL C 9 -1.73 -6.12 -0.39
C VAL C 9 -1.14 -7.41 -0.91
N ILE C 10 -0.12 -7.31 -1.76
CA ILE C 10 0.57 -8.50 -2.28
C ILE C 10 2.01 -8.14 -2.14
N LEU C 11 2.81 -8.98 -1.49
CA LEU C 11 4.22 -8.67 -1.33
C LEU C 11 5.14 -9.88 -1.10
N PRO C 12 6.44 -9.74 -1.40
CA PRO C 12 7.41 -10.81 -1.22
C PRO C 12 7.79 -10.99 0.25
N ARG C 13 8.41 -12.13 0.53
CA ARG C 13 8.83 -12.44 1.89
C ARG C 13 9.85 -11.41 2.38
N GLY C 14 9.85 -11.24 3.69
CA GLY C 14 10.79 -10.32 4.34
C GLY C 14 10.44 -8.89 4.05
N GLY C 15 9.54 -8.69 3.09
CA GLY C 15 9.13 -7.36 2.74
C GLY C 15 8.47 -6.73 3.95
N SER C 16 8.20 -5.44 3.83
CA SER C 16 7.54 -4.75 4.93
C SER C 16 6.40 -3.93 4.35
N VAL C 17 5.41 -3.70 5.18
CA VAL C 17 4.25 -2.90 4.80
C VAL C 17 3.86 -1.91 5.92
N LEU C 18 3.07 -0.91 5.54
CA LEU C 18 2.59 0.09 6.47
C LEU C 18 1.07 -0.06 6.53
N VAL C 19 0.49 0.09 7.70
CA VAL C 19 -0.98 -0.01 7.79
C VAL C 19 -1.54 1.06 8.70
N THR C 20 -2.67 1.64 8.28
CA THR C 20 -3.24 2.69 9.09
C THR C 20 -4.56 2.29 9.77
N CYS C 21 -4.47 1.99 11.06
CA CYS C 21 -5.64 1.65 11.83
C CYS C 21 -6.32 2.98 12.13
N SER C 22 -7.36 3.27 11.36
CA SER C 22 -8.15 4.51 11.54
C SER C 22 -9.42 4.17 12.31
N THR C 23 -10.17 5.19 12.70
CA THR C 23 -11.41 4.98 13.42
C THR C 23 -12.20 6.27 13.49
N SER C 24 -13.52 6.15 13.64
CA SER C 24 -14.38 7.31 13.71
C SER C 24 -15.18 7.34 14.99
N CYS C 25 -14.58 7.87 16.03
CA CYS C 25 -15.27 7.98 17.30
C CYS C 25 -15.04 9.36 17.92
N ASP C 26 -16.02 9.78 18.72
CA ASP C 26 -15.95 11.09 19.39
C ASP C 26 -14.66 11.11 20.24
N GLN C 27 -14.35 9.96 20.84
CA GLN C 27 -13.15 9.80 21.67
C GLN C 27 -12.97 8.32 22.02
N PRO C 28 -12.22 7.57 21.19
CA PRO C 28 -11.95 6.14 21.38
C PRO C 28 -11.04 5.88 22.58
N LYS C 29 -11.36 4.84 23.37
CA LYS C 29 -10.53 4.53 24.54
C LYS C 29 -9.32 3.64 24.24
N LEU C 30 -9.20 3.17 23.00
CA LEU C 30 -8.08 2.30 22.61
C LEU C 30 -8.05 2.05 21.11
N LEU C 31 -6.83 1.98 20.57
CA LEU C 31 -6.59 1.70 19.16
C LEU C 31 -5.30 0.90 19.01
N GLY C 32 -5.37 -0.15 18.20
CA GLY C 32 -4.21 -1.00 17.97
C GLY C 32 -4.40 -1.94 16.79
N ILE C 33 -3.37 -2.72 16.51
CA ILE C 33 -3.39 -3.68 15.41
C ILE C 33 -3.11 -5.09 15.97
N GLU C 34 -3.71 -6.11 15.38
CA GLU C 34 -3.53 -7.47 15.86
C GLU C 34 -2.81 -8.36 14.86
N THR C 35 -1.52 -8.60 15.07
CA THR C 35 -0.77 -9.46 14.14
C THR C 35 0.35 -10.20 14.81
N PRO C 36 0.77 -11.32 14.20
CA PRO C 36 1.86 -12.20 14.64
C PRO C 36 3.16 -11.57 14.11
N LEU C 37 3.00 -10.68 13.12
CA LEU C 37 4.11 -9.98 12.50
C LEU C 37 4.73 -8.93 13.40
N PRO C 38 6.03 -8.63 13.19
CA PRO C 38 6.78 -7.63 13.97
C PRO C 38 6.16 -6.25 13.73
N LYS C 39 5.67 -5.62 14.81
CA LYS C 39 5.09 -4.30 14.68
C LYS C 39 6.05 -3.18 15.10
N LYS C 40 5.95 -2.05 14.40
CA LYS C 40 6.75 -0.87 14.67
C LYS C 40 5.86 0.31 14.36
N GLU C 41 5.47 1.10 15.36
CA GLU C 41 4.60 2.24 15.12
C GLU C 41 5.29 3.50 14.58
N LEU C 42 4.52 4.32 13.84
CA LEU C 42 5.02 5.57 13.25
C LEU C 42 4.74 6.85 14.03
N LEU C 43 4.44 7.91 13.32
CA LEU C 43 4.18 9.24 13.91
C LEU C 43 3.21 9.37 15.07
N LEU C 44 3.40 10.46 15.82
CA LEU C 44 2.60 10.86 16.97
C LEU C 44 1.40 11.76 16.56
N PRO C 45 1.58 12.65 15.55
CA PRO C 45 0.52 13.54 15.06
C PRO C 45 -0.72 12.79 14.62
N GLY C 46 -1.85 13.17 15.24
CA GLY C 46 -3.13 12.54 14.99
C GLY C 46 -3.61 11.94 16.32
N ASN C 47 -4.80 11.33 16.33
CA ASN C 47 -5.35 10.73 17.55
C ASN C 47 -6.19 9.50 17.25
N ASN C 48 -7.06 9.63 16.25
CA ASN C 48 -7.95 8.55 15.83
C ASN C 48 -7.47 7.96 14.52
N ARG C 49 -6.14 7.90 14.35
CA ARG C 49 -5.47 7.38 13.16
C ARG C 49 -4.07 6.97 13.59
N LYS C 50 -3.71 5.73 13.31
CA LYS C 50 -2.44 5.17 13.71
C LYS C 50 -1.80 4.33 12.62
N VAL C 51 -0.53 4.58 12.35
CA VAL C 51 0.18 3.82 11.33
C VAL C 51 1.30 2.99 11.94
N TYR C 52 1.45 1.79 11.40
CA TYR C 52 2.51 0.87 11.86
C TYR C 52 3.34 0.46 10.63
N GLU C 53 4.15 -0.56 10.87
CA GLU C 53 4.96 -1.16 9.83
C GLU C 53 5.20 -2.61 10.14
N LEU C 54 4.50 -3.45 9.41
CA LEU C 54 4.58 -4.91 9.55
C LEU C 54 5.80 -5.33 8.73
N SER C 55 6.79 -5.85 9.42
CA SER C 55 8.03 -6.25 8.77
C SER C 55 8.30 -7.72 8.77
N ASN C 56 9.15 -8.13 7.84
CA ASN C 56 9.58 -9.53 7.69
C ASN C 56 8.43 -10.56 7.57
N VAL C 57 7.40 -10.24 6.79
CA VAL C 57 6.24 -11.13 6.61
C VAL C 57 6.58 -12.25 5.64
N GLN C 58 6.51 -13.50 6.09
CA GLN C 58 6.83 -14.62 5.20
C GLN C 58 5.61 -15.42 4.73
N GLU C 59 4.61 -15.56 5.59
CA GLU C 59 3.39 -16.28 5.24
C GLU C 59 2.24 -15.30 4.94
N ASP C 60 1.25 -15.71 4.17
CA ASP C 60 0.13 -14.82 3.87
C ASP C 60 -0.57 -14.42 5.18
N SER C 61 -0.12 -13.33 5.78
CA SER C 61 -0.71 -12.87 7.04
C SER C 61 -1.96 -12.00 6.79
N GLN C 62 -2.69 -11.72 7.87
CA GLN C 62 -3.92 -10.92 7.80
C GLN C 62 -4.16 -10.12 9.09
N PRO C 63 -3.49 -8.96 9.20
CA PRO C 63 -3.56 -8.03 10.33
C PRO C 63 -4.97 -7.63 10.66
N MET C 64 -5.20 -7.28 11.91
CA MET C 64 -6.52 -6.91 12.34
C MET C 64 -6.53 -5.66 13.22
N CYS C 65 -6.99 -4.55 12.66
CA CYS C 65 -7.07 -3.29 13.40
C CYS C 65 -8.32 -3.29 14.25
N TYR C 66 -8.15 -2.99 15.54
CA TYR C 66 -9.28 -2.96 16.49
C TYR C 66 -9.46 -1.55 17.03
N SER C 67 -10.44 -1.39 17.93
CA SER C 67 -10.71 -0.12 18.54
C SER C 67 -11.77 -0.24 19.61
N ASN C 68 -11.44 0.15 20.82
CA ASN C 68 -12.41 0.12 21.88
C ASN C 68 -13.00 1.52 21.90
N CYS C 69 -14.14 1.64 21.25
CA CYS C 69 -14.86 2.91 21.22
C CYS C 69 -15.92 2.82 22.32
N PRO C 70 -16.41 3.97 22.79
CA PRO C 70 -17.43 3.96 23.84
C PRO C 70 -18.59 3.07 23.38
N ASP C 71 -19.00 3.28 22.13
CA ASP C 71 -20.07 2.52 21.53
C ASP C 71 -19.73 1.04 21.63
N GLY C 72 -18.47 0.74 21.35
CA GLY C 72 -18.00 -0.64 21.43
C GLY C 72 -16.70 -0.88 20.71
N GLN C 73 -16.20 -2.11 20.80
CA GLN C 73 -14.96 -2.48 20.13
C GLN C 73 -15.34 -3.05 18.77
N SER C 74 -14.75 -2.49 17.73
CA SER C 74 -14.99 -2.95 16.37
C SER C 74 -13.69 -3.44 15.69
N THR C 75 -13.81 -4.00 14.50
CA THR C 75 -12.63 -4.51 13.81
C THR C 75 -12.60 -4.31 12.30
N ALA C 76 -11.40 -3.95 11.82
CA ALA C 76 -11.10 -3.72 10.41
C ALA C 76 -9.96 -4.65 10.04
N LYS C 77 -10.21 -5.51 9.06
CA LYS C 77 -9.24 -6.51 8.63
C LYS C 77 -8.62 -6.27 7.25
N THR C 78 -7.31 -6.40 7.21
CA THR C 78 -6.55 -6.23 6.00
C THR C 78 -6.02 -7.62 5.64
N PHE C 79 -5.55 -7.78 4.41
CA PHE C 79 -5.05 -9.06 3.91
C PHE C 79 -3.65 -8.98 3.27
N LEU C 80 -2.65 -9.58 3.89
CA LEU C 80 -1.31 -9.56 3.33
C LEU C 80 -1.04 -10.84 2.57
N THR C 81 -0.67 -10.69 1.30
CA THR C 81 -0.37 -11.80 0.41
C THR C 81 1.10 -11.83 0.08
N VAL C 82 1.74 -12.97 0.28
CA VAL C 82 3.16 -13.11 -0.03
C VAL C 82 3.31 -13.93 -1.31
N TYR C 83 4.18 -13.46 -2.20
CA TYR C 83 4.48 -14.12 -3.48
C TYR C 83 5.98 -14.34 -3.63
N TRP C 84 6.37 -15.47 -4.21
CA TRP C 84 7.78 -15.79 -4.38
C TRP C 84 8.13 -16.82 -5.48
N THR C 85 9.27 -16.67 -6.11
CA THR C 85 9.73 -17.59 -7.15
C THR C 85 10.37 -18.84 -6.56
N PRO C 86 9.87 -20.06 -6.97
CA PRO C 86 10.36 -21.37 -6.46
C PRO C 86 11.89 -21.61 -6.25
N GLU C 87 12.18 -22.58 -5.43
CA GLU C 87 13.53 -23.03 -5.08
C GLU C 87 14.16 -23.62 -6.34
N ARG C 88 13.59 -24.70 -6.85
CA ARG C 88 14.11 -25.26 -8.07
C ARG C 88 12.98 -25.78 -8.96
N VAL C 89 13.11 -25.47 -10.25
CA VAL C 89 12.15 -25.85 -11.26
C VAL C 89 12.64 -27.05 -12.07
N GLU C 90 13.91 -27.41 -11.90
CA GLU C 90 14.52 -28.53 -12.61
C GLU C 90 13.66 -29.81 -12.76
N LEU C 91 13.79 -30.42 -13.93
CA LEU C 91 13.12 -31.67 -14.27
C LEU C 91 14.29 -32.63 -14.30
N ALA C 92 14.05 -33.92 -14.11
CA ALA C 92 15.17 -34.83 -14.10
C ALA C 92 14.90 -36.27 -14.52
N PRO C 93 15.97 -36.99 -14.94
CA PRO C 93 17.43 -36.73 -15.04
C PRO C 93 18.05 -37.70 -16.08
N LEU C 94 17.21 -38.09 -17.03
CA LEU C 94 17.45 -39.11 -18.04
C LEU C 94 18.74 -38.94 -18.81
N PRO C 95 19.31 -40.05 -19.31
CA PRO C 95 20.60 -39.95 -20.01
C PRO C 95 20.40 -39.45 -21.47
N SER C 96 21.44 -38.75 -21.94
CA SER C 96 21.46 -38.15 -23.28
C SER C 96 20.95 -38.95 -24.48
N TRP C 97 21.42 -40.18 -24.63
CA TRP C 97 21.04 -41.02 -25.77
C TRP C 97 19.82 -41.88 -25.50
N GLN C 98 18.97 -42.03 -26.52
CA GLN C 98 17.76 -42.83 -26.43
C GLN C 98 17.29 -43.42 -27.78
N PRO C 99 16.76 -44.66 -27.77
CA PRO C 99 16.24 -45.41 -28.93
C PRO C 99 14.96 -44.76 -29.48
N VAL C 100 14.92 -44.38 -30.75
CA VAL C 100 13.70 -43.74 -31.29
C VAL C 100 12.46 -44.61 -31.20
N GLY C 101 11.31 -43.97 -31.03
CA GLY C 101 10.06 -44.69 -30.89
C GLY C 101 10.02 -45.30 -29.50
N LYS C 102 10.26 -44.44 -28.51
CA LYS C 102 10.27 -44.85 -27.12
C LYS C 102 9.28 -43.94 -26.39
N ASN C 103 8.27 -44.52 -25.75
CA ASN C 103 7.25 -43.72 -25.03
C ASN C 103 7.79 -43.28 -23.66
N LEU C 104 9.02 -42.75 -23.68
CA LEU C 104 9.69 -42.28 -22.49
C LEU C 104 8.93 -41.14 -21.80
N THR C 105 9.17 -41.00 -20.50
CA THR C 105 8.53 -40.00 -19.63
C THR C 105 9.37 -38.76 -19.29
N LEU C 106 8.73 -37.61 -19.42
CA LEU C 106 9.36 -36.34 -19.09
C LEU C 106 8.73 -35.91 -17.79
N ARG C 107 9.53 -35.87 -16.73
CA ARG C 107 9.00 -35.47 -15.44
C ARG C 107 9.69 -34.19 -14.96
N CYS C 108 8.91 -33.28 -14.41
CA CYS C 108 9.44 -32.03 -13.91
C CYS C 108 8.85 -31.75 -12.55
N GLN C 109 9.69 -31.23 -11.66
CA GLN C 109 9.21 -30.89 -10.32
C GLN C 109 9.61 -29.47 -9.86
N VAL C 110 8.66 -28.74 -9.31
CA VAL C 110 8.93 -27.39 -8.84
C VAL C 110 8.67 -27.35 -7.32
N GLU C 111 9.57 -26.73 -6.56
CA GLU C 111 9.38 -26.67 -5.11
C GLU C 111 9.27 -25.26 -4.56
N GLY C 112 8.03 -24.88 -4.24
CA GLY C 112 7.78 -23.56 -3.72
C GLY C 112 6.94 -22.71 -4.67
N GLY C 113 7.02 -21.40 -4.53
CA GLY C 113 6.26 -20.51 -5.39
C GLY C 113 4.88 -20.19 -4.86
N ALA C 114 4.59 -18.90 -4.72
CA ALA C 114 3.30 -18.43 -4.20
C ALA C 114 3.01 -17.04 -4.80
N PRO C 115 1.71 -16.66 -4.95
CA PRO C 115 0.54 -17.46 -4.60
C PRO C 115 0.31 -18.66 -5.54
N ARG C 116 0.22 -19.84 -4.92
CA ARG C 116 0.04 -21.08 -5.63
C ARG C 116 -1.14 -21.25 -6.54
N ALA C 117 -2.10 -20.33 -6.47
CA ALA C 117 -3.26 -20.44 -7.36
C ALA C 117 -2.97 -19.66 -8.64
N ASN C 118 -1.80 -19.05 -8.70
CA ASN C 118 -1.39 -18.27 -9.87
C ASN C 118 -0.21 -18.89 -10.63
N LEU C 119 0.53 -19.77 -9.95
CA LEU C 119 1.70 -20.46 -10.50
C LEU C 119 1.37 -21.69 -11.36
N THR C 120 1.71 -21.60 -12.66
CA THR C 120 1.53 -22.72 -13.60
C THR C 120 2.88 -23.27 -14.02
N VAL C 121 2.86 -24.52 -14.43
CA VAL C 121 4.04 -25.21 -14.87
C VAL C 121 3.85 -25.70 -16.29
N VAL C 122 4.93 -25.71 -17.06
CA VAL C 122 4.87 -26.16 -18.44
C VAL C 122 6.11 -26.92 -18.94
N LEU C 123 5.89 -28.14 -19.40
CA LEU C 123 6.96 -28.95 -19.93
C LEU C 123 7.01 -28.59 -21.41
N LEU C 124 8.21 -28.60 -22.00
CA LEU C 124 8.34 -28.25 -23.41
C LEU C 124 9.66 -28.61 -24.08
N ARG C 125 9.57 -29.03 -25.34
CA ARG C 125 10.73 -29.37 -26.15
C ARG C 125 11.01 -28.13 -26.99
N GLY C 126 11.69 -27.15 -26.41
CA GLY C 126 11.94 -25.92 -27.12
C GLY C 126 10.71 -25.03 -26.98
N GLU C 127 10.65 -23.96 -27.76
CA GLU C 127 9.54 -23.01 -27.71
C GLU C 127 8.17 -23.58 -28.07
N LYS C 128 7.97 -24.88 -27.88
CA LYS C 128 6.67 -25.48 -28.19
C LYS C 128 6.07 -25.95 -26.90
N GLU C 129 4.87 -25.47 -26.57
CA GLU C 129 4.18 -25.87 -25.34
C GLU C 129 3.80 -27.37 -25.32
N LEU C 130 4.46 -28.13 -24.45
CA LEU C 130 4.14 -29.56 -24.37
C LEU C 130 3.02 -29.86 -23.36
N LYS C 131 2.92 -29.07 -22.29
CA LYS C 131 1.88 -29.26 -21.29
C LYS C 131 1.93 -28.19 -20.21
N ARG C 132 0.84 -27.42 -20.08
CA ARG C 132 0.74 -26.37 -19.07
C ARG C 132 -0.24 -26.80 -17.98
N GLU C 133 0.27 -27.02 -16.77
CA GLU C 133 -0.55 -27.40 -15.63
C GLU C 133 -0.13 -26.68 -14.35
N PRO C 134 -1.10 -26.33 -13.48
CA PRO C 134 -0.88 -25.64 -12.20
C PRO C 134 -0.09 -26.45 -11.17
N ALA C 135 0.88 -25.80 -10.52
CA ALA C 135 1.71 -26.44 -9.51
C ALA C 135 0.91 -27.07 -8.38
N VAL C 136 0.97 -28.41 -8.33
CA VAL C 136 0.28 -29.24 -7.34
C VAL C 136 1.25 -29.90 -6.37
N GLY C 137 1.06 -29.62 -5.08
CA GLY C 137 1.91 -30.21 -4.05
C GLY C 137 3.31 -29.62 -3.84
N GLU C 138 4.16 -30.41 -3.20
CA GLU C 138 5.52 -30.00 -2.91
C GLU C 138 6.42 -31.24 -2.82
N PRO C 139 7.27 -31.44 -3.85
CA PRO C 139 7.40 -30.59 -5.03
C PRO C 139 6.24 -30.85 -6.01
N ALA C 140 6.05 -29.95 -6.96
CA ALA C 140 4.97 -30.10 -7.92
C ALA C 140 5.24 -31.14 -8.99
N GLU C 141 4.57 -32.26 -8.84
CA GLU C 141 4.69 -33.37 -9.79
C GLU C 141 4.01 -33.00 -11.10
N VAL C 142 4.72 -33.19 -12.21
CA VAL C 142 4.17 -32.92 -13.53
C VAL C 142 4.85 -33.84 -14.54
N THR C 143 4.07 -34.49 -15.40
CA THR C 143 4.63 -35.43 -16.36
C THR C 143 3.88 -35.61 -17.68
N THR C 144 4.64 -35.78 -18.76
CA THR C 144 4.07 -36.00 -20.09
C THR C 144 5.01 -36.90 -20.87
N THR C 145 4.50 -38.07 -21.26
CA THR C 145 5.29 -39.06 -21.99
C THR C 145 5.58 -38.63 -23.43
N VAL C 146 6.84 -38.29 -23.69
CA VAL C 146 7.25 -37.87 -25.02
C VAL C 146 7.80 -39.05 -25.81
N LEU C 147 7.56 -38.96 -27.10
CA LEU C 147 7.96 -39.94 -28.11
C LEU C 147 9.29 -39.55 -28.78
N VAL C 148 9.87 -40.45 -29.51
CA VAL C 148 11.08 -40.13 -30.24
C VAL C 148 10.82 -40.46 -31.71
N ARG C 149 10.46 -39.44 -32.50
CA ARG C 149 10.34 -39.61 -33.95
C ARG C 149 11.11 -38.73 -34.95
N ARG C 150 10.58 -37.53 -35.22
CA ARG C 150 11.07 -36.68 -36.33
C ARG C 150 11.63 -35.38 -35.80
N ASP C 151 10.94 -34.83 -34.79
CA ASP C 151 11.35 -33.59 -34.12
C ASP C 151 12.35 -34.00 -33.05
N HIS C 152 12.64 -35.30 -33.04
CA HIS C 152 13.57 -35.93 -32.11
C HIS C 152 14.72 -36.47 -32.96
N HIS C 153 15.87 -35.82 -32.80
CA HIS C 153 17.09 -36.11 -33.55
C HIS C 153 18.32 -35.55 -32.83
N GLY C 154 18.08 -34.72 -31.83
CA GLY C 154 19.14 -34.09 -31.06
C GLY C 154 18.56 -32.83 -30.46
N ALA C 155 17.40 -32.98 -29.83
CA ALA C 155 16.65 -31.89 -29.22
C ALA C 155 17.01 -31.51 -27.78
N ASN C 156 16.48 -30.37 -27.33
CA ASN C 156 16.69 -29.86 -25.98
C ASN C 156 15.32 -29.61 -25.31
N PHE C 157 14.99 -30.44 -24.31
CA PHE C 157 13.74 -30.35 -23.54
C PHE C 157 13.99 -29.55 -22.29
N SER C 158 12.97 -28.86 -21.81
CA SER C 158 13.10 -28.03 -20.61
C SER C 158 11.78 -27.84 -19.90
N CYS C 159 11.86 -27.29 -18.68
CA CYS C 159 10.70 -27.04 -17.82
C CYS C 159 10.71 -25.65 -17.23
N ARG C 160 9.63 -24.90 -17.47
CA ARG C 160 9.52 -23.54 -16.95
C ARG C 160 8.29 -23.36 -16.07
N THR C 161 8.34 -22.29 -15.27
CA THR C 161 7.26 -21.91 -14.36
C THR C 161 6.83 -20.52 -14.74
N GLU C 162 5.53 -20.23 -14.65
CA GLU C 162 4.94 -18.92 -14.95
C GLU C 162 3.97 -18.50 -13.82
N LEU C 163 4.37 -17.49 -13.04
CA LEU C 163 3.59 -16.95 -11.92
C LEU C 163 3.01 -15.61 -12.35
N ASP C 164 1.73 -15.60 -12.71
CA ASP C 164 1.06 -14.43 -13.21
C ASP C 164 0.50 -13.48 -12.17
N LEU C 165 1.22 -12.40 -11.91
CA LEU C 165 0.77 -11.39 -10.98
C LEU C 165 0.49 -10.16 -11.80
N ARG C 166 0.34 -10.39 -13.09
CA ARG C 166 0.02 -9.35 -14.04
C ARG C 166 -1.42 -8.91 -13.79
N PRO C 167 -2.33 -9.83 -13.38
CA PRO C 167 -3.69 -9.34 -13.14
C PRO C 167 -3.74 -8.33 -12.00
N GLN C 168 -2.59 -8.07 -11.37
CA GLN C 168 -2.50 -7.10 -10.30
C GLN C 168 -1.23 -6.23 -10.43
N GLY C 169 -1.06 -5.64 -11.60
CA GLY C 169 0.06 -4.76 -11.84
C GLY C 169 1.50 -5.25 -11.77
N LEU C 170 1.78 -6.41 -11.17
CA LEU C 170 3.16 -6.88 -11.13
C LEU C 170 3.56 -7.44 -12.49
N GLU C 171 4.61 -8.25 -12.52
CA GLU C 171 5.05 -8.85 -13.78
C GLU C 171 4.78 -10.35 -13.78
N LEU C 172 5.14 -11.02 -14.88
CA LEU C 172 4.99 -12.46 -14.96
C LEU C 172 6.32 -13.00 -14.46
N PHE C 173 6.30 -13.71 -13.34
CA PHE C 173 7.51 -14.25 -12.78
C PHE C 173 7.70 -15.68 -13.16
N GLU C 174 8.60 -15.89 -14.13
CA GLU C 174 8.90 -17.22 -14.66
C GLU C 174 10.36 -17.63 -14.51
N ASN C 175 10.61 -18.93 -14.37
CA ASN C 175 11.97 -19.43 -14.25
C ASN C 175 12.18 -20.66 -15.15
N THR C 176 13.16 -20.58 -16.07
CA THR C 176 13.45 -21.69 -16.96
C THR C 176 14.36 -22.67 -16.21
N SER C 177 14.35 -23.94 -16.65
CA SER C 177 15.17 -25.00 -16.04
C SER C 177 16.29 -25.55 -16.94
N ALA C 178 17.28 -26.17 -16.31
CA ALA C 178 18.43 -26.76 -17.01
C ALA C 178 17.86 -27.67 -18.07
N PRO C 179 18.32 -27.50 -19.33
CA PRO C 179 17.92 -28.23 -20.53
C PRO C 179 18.12 -29.72 -20.51
N TYR C 180 17.46 -30.41 -21.43
CA TYR C 180 17.60 -31.84 -21.54
C TYR C 180 18.26 -32.15 -22.88
N GLN C 181 19.56 -32.43 -22.83
CA GLN C 181 20.33 -32.75 -24.02
C GLN C 181 19.99 -34.16 -24.55
N LEU C 182 18.96 -34.24 -25.40
CA LEU C 182 18.51 -35.50 -25.99
C LEU C 182 19.21 -35.68 -27.32
N GLN C 183 19.72 -36.89 -27.54
CA GLN C 183 20.43 -37.22 -28.77
C GLN C 183 19.93 -38.50 -29.40
N THR C 184 19.84 -38.49 -30.72
CA THR C 184 19.40 -39.64 -31.53
C THR C 184 19.02 -39.20 -32.96
N VAL D 1 -6.93 -27.27 45.92
CA VAL D 1 -6.74 -26.03 45.12
C VAL D 1 -7.34 -26.17 43.75
N ASP D 2 -8.31 -25.30 43.47
CA ASP D 2 -8.97 -25.30 42.18
C ASP D 2 -8.26 -24.31 41.26
N LEU D 3 -7.27 -24.82 40.53
CA LEU D 3 -6.47 -24.03 39.60
C LEU D 3 -7.12 -23.89 38.23
N VAL D 4 -6.80 -22.80 37.56
CA VAL D 4 -7.32 -22.53 36.23
C VAL D 4 -6.27 -22.00 35.25
N PHE D 5 -6.32 -22.54 34.05
CA PHE D 5 -5.44 -22.15 32.96
C PHE D 5 -6.25 -21.19 32.08
N LEU D 6 -5.70 -20.02 31.85
CA LEU D 6 -6.34 -19.00 31.02
C LEU D 6 -5.35 -18.67 29.88
N PHE D 7 -5.45 -19.43 28.77
CA PHE D 7 -4.55 -19.25 27.65
C PHE D 7 -5.04 -18.34 26.55
N ASP D 8 -4.07 -17.67 25.92
CA ASP D 8 -4.23 -16.68 24.84
C ASP D 8 -4.45 -17.29 23.43
N GLY D 9 -5.68 -17.20 22.94
CA GLY D 9 -5.99 -17.74 21.63
C GLY D 9 -6.19 -16.64 20.61
N SER D 10 -5.37 -15.60 20.69
CA SER D 10 -5.45 -14.47 19.77
C SER D 10 -4.53 -14.61 18.58
N MET D 11 -4.84 -13.90 17.50
CA MET D 11 -4.05 -13.90 16.25
C MET D 11 -2.56 -13.66 16.46
N SER D 12 -2.25 -12.69 17.30
CA SER D 12 -0.90 -12.29 17.60
C SER D 12 0.14 -13.31 17.98
N LEU D 13 -0.29 -14.55 18.18
CA LEU D 13 0.64 -15.61 18.51
C LEU D 13 0.83 -16.47 17.25
N GLN D 14 2.08 -16.82 16.97
CA GLN D 14 2.43 -17.63 15.81
C GLN D 14 1.60 -18.91 15.93
N PRO D 15 1.03 -19.39 14.81
CA PRO D 15 0.21 -20.60 14.78
C PRO D 15 0.82 -21.80 15.53
N ASP D 16 2.12 -21.72 15.76
CA ASP D 16 2.81 -22.78 16.48
C ASP D 16 2.72 -22.52 17.96
N GLU D 17 3.05 -21.29 18.38
CA GLU D 17 3.02 -20.85 19.78
C GLU D 17 1.79 -21.28 20.57
N PHE D 18 0.71 -21.58 19.85
CA PHE D 18 -0.56 -22.02 20.42
C PHE D 18 -0.35 -23.41 21.00
N GLN D 19 0.30 -24.27 20.21
CA GLN D 19 0.60 -25.65 20.59
C GLN D 19 1.79 -25.75 21.54
N LYS D 20 2.67 -24.75 21.54
CA LYS D 20 3.82 -24.74 22.45
C LYS D 20 3.28 -24.39 23.83
N ILE D 21 2.18 -23.64 23.85
CA ILE D 21 1.50 -23.21 25.06
C ILE D 21 0.86 -24.43 25.73
N LEU D 22 0.13 -25.21 24.94
CA LEU D 22 -0.54 -26.40 25.44
C LEU D 22 0.47 -27.34 26.10
N ASP D 23 1.61 -27.53 25.44
CA ASP D 23 2.67 -28.38 25.96
C ASP D 23 2.96 -27.98 27.40
N PHE D 24 3.04 -26.68 27.65
CA PHE D 24 3.29 -26.16 28.99
C PHE D 24 2.15 -26.47 29.91
N MET D 25 0.92 -26.25 29.43
CA MET D 25 -0.23 -26.55 30.26
C MET D 25 -0.02 -27.98 30.78
N LYS D 26 0.34 -28.88 29.89
CA LYS D 26 0.58 -30.28 30.25
C LYS D 26 1.84 -30.46 31.12
N ASP D 27 2.82 -29.56 30.97
CA ASP D 27 4.06 -29.63 31.76
C ASP D 27 3.76 -29.50 33.26
N VAL D 28 2.60 -28.92 33.58
CA VAL D 28 2.23 -28.72 34.98
C VAL D 28 1.05 -29.62 35.34
N MET D 29 0.03 -29.61 34.49
CA MET D 29 -1.20 -30.37 34.67
C MET D 29 -1.00 -31.90 34.80
N LYS D 30 -0.74 -32.57 33.69
CA LYS D 30 -0.54 -34.03 33.67
C LYS D 30 0.61 -34.47 34.58
N LYS D 31 1.62 -33.62 34.72
CA LYS D 31 2.75 -33.94 35.57
C LYS D 31 2.27 -33.96 37.01
N CYS D 32 1.28 -33.14 37.31
CA CYS D 32 0.70 -33.11 38.66
C CYS D 32 -0.75 -33.61 38.66
N SER D 33 -0.95 -34.79 38.06
CA SER D 33 -2.28 -35.43 37.96
C SER D 33 -2.70 -36.04 39.29
N ASN D 34 -1.88 -35.80 40.32
CA ASN D 34 -2.14 -36.29 41.67
C ASN D 34 -3.49 -35.80 42.17
N THR D 35 -4.17 -36.62 42.96
CA THR D 35 -5.48 -36.28 43.51
C THR D 35 -5.47 -34.96 44.28
N SER D 36 -6.66 -34.43 44.54
CA SER D 36 -6.84 -33.15 45.25
C SER D 36 -6.22 -32.01 44.44
N TYR D 37 -6.33 -32.13 43.12
CA TYR D 37 -5.80 -31.13 42.20
C TYR D 37 -6.71 -30.97 41.01
N GLN D 38 -7.53 -29.92 41.05
CA GLN D 38 -8.49 -29.60 40.00
C GLN D 38 -8.04 -28.46 39.07
N PHE D 39 -8.38 -28.57 37.79
CA PHE D 39 -8.01 -27.57 36.80
C PHE D 39 -9.14 -27.25 35.81
N ALA D 40 -8.90 -26.20 35.00
CA ALA D 40 -9.84 -25.73 33.99
C ALA D 40 -9.06 -25.04 32.85
N ALA D 41 -9.79 -24.57 31.84
CA ALA D 41 -9.15 -23.93 30.70
C ALA D 41 -10.08 -22.99 29.96
N VAL D 42 -9.60 -21.77 29.74
CA VAL D 42 -10.34 -20.75 29.03
C VAL D 42 -9.47 -20.01 28.03
N GLN D 43 -9.74 -20.27 26.76
CA GLN D 43 -9.02 -19.64 25.67
C GLN D 43 -9.64 -18.27 25.40
N PHE D 44 -8.85 -17.22 25.54
CA PHE D 44 -9.37 -15.89 25.30
C PHE D 44 -8.76 -15.19 24.11
N SER D 45 -9.60 -14.47 23.38
CA SER D 45 -9.20 -13.71 22.21
C SER D 45 -10.13 -12.49 22.20
N THR D 46 -11.07 -12.43 21.24
CA THR D 46 -12.01 -11.32 21.21
C THR D 46 -13.20 -11.76 22.03
N SER D 47 -13.34 -13.07 22.17
CA SER D 47 -14.43 -13.68 22.93
C SER D 47 -13.88 -14.71 23.92
N TYR D 48 -14.78 -15.37 24.65
CA TYR D 48 -14.35 -16.37 25.63
C TYR D 48 -15.18 -17.66 25.57
N LYS D 49 -14.58 -18.75 26.06
CA LYS D 49 -15.18 -20.06 26.11
C LYS D 49 -14.37 -20.94 27.04
N THR D 50 -15.09 -21.69 27.85
CA THR D 50 -14.45 -22.62 28.76
C THR D 50 -14.19 -23.88 27.93
N GLU D 51 -12.92 -24.11 27.61
CA GLU D 51 -12.50 -25.28 26.81
C GLU D 51 -12.96 -26.57 27.44
N PHE D 52 -12.64 -26.73 28.72
CA PHE D 52 -13.05 -27.89 29.50
C PHE D 52 -13.36 -27.45 30.93
N ASP D 53 -14.58 -27.75 31.35
CA ASP D 53 -15.05 -27.40 32.69
C ASP D 53 -14.58 -28.47 33.68
N PHE D 54 -14.83 -28.24 34.96
CA PHE D 54 -14.44 -29.20 35.99
C PHE D 54 -15.23 -30.50 35.82
N SER D 55 -16.52 -30.38 35.52
CA SER D 55 -17.42 -31.53 35.34
C SER D 55 -16.85 -32.60 34.42
N ASP D 56 -16.48 -32.20 33.20
CA ASP D 56 -15.91 -33.12 32.23
C ASP D 56 -14.41 -33.29 32.47
N TYR D 57 -13.86 -32.50 33.40
CA TYR D 57 -12.44 -32.55 33.74
C TYR D 57 -12.02 -33.82 34.51
N VAL D 58 -12.63 -34.04 35.66
CA VAL D 58 -12.30 -35.20 36.48
C VAL D 58 -13.06 -36.47 36.04
N LYS D 59 -13.39 -36.54 34.75
CA LYS D 59 -14.11 -37.67 34.16
C LYS D 59 -13.16 -38.53 33.34
N ARG D 60 -12.31 -37.89 32.56
CA ARG D 60 -11.33 -38.57 31.74
C ARG D 60 -10.03 -37.77 31.86
N LYS D 61 -9.52 -37.70 33.08
CA LYS D 61 -8.30 -36.99 33.45
C LYS D 61 -7.08 -37.26 32.56
N ASP D 62 -6.84 -36.33 31.64
CA ASP D 62 -5.72 -36.35 30.68
C ASP D 62 -5.91 -35.20 29.66
N PRO D 63 -4.91 -34.30 29.57
CA PRO D 63 -4.91 -33.14 28.66
C PRO D 63 -4.81 -33.50 27.17
N ASP D 64 -5.47 -34.58 26.77
CA ASP D 64 -5.47 -35.06 25.39
C ASP D 64 -6.86 -35.62 25.13
N ALA D 65 -7.71 -35.46 26.13
CA ALA D 65 -9.09 -35.92 26.09
C ALA D 65 -10.02 -34.75 26.38
N LEU D 66 -9.46 -33.65 26.85
CA LEU D 66 -10.21 -32.45 27.19
C LEU D 66 -10.03 -31.34 26.15
N LEU D 67 -9.12 -31.59 25.22
CA LEU D 67 -8.83 -30.65 24.14
C LEU D 67 -9.29 -31.29 22.82
N LYS D 68 -10.43 -31.97 22.91
CA LYS D 68 -11.04 -32.68 21.80
C LYS D 68 -11.45 -31.81 20.62
N HIS D 69 -12.10 -30.69 20.93
CA HIS D 69 -12.56 -29.80 19.88
C HIS D 69 -12.04 -28.36 19.98
N VAL D 70 -10.74 -28.24 20.24
CA VAL D 70 -10.10 -26.94 20.33
C VAL D 70 -9.92 -26.42 18.92
N LYS D 71 -10.31 -25.17 18.69
CA LYS D 71 -10.17 -24.52 17.39
C LYS D 71 -9.53 -23.14 17.61
N HIS D 72 -8.36 -22.95 17.02
CA HIS D 72 -7.63 -21.69 17.12
C HIS D 72 -8.43 -20.55 16.46
N MET D 73 -9.04 -19.71 17.31
CA MET D 73 -9.88 -18.58 16.88
C MET D 73 -9.09 -17.46 16.20
N LEU D 74 -8.01 -17.05 16.86
CA LEU D 74 -7.08 -16.03 16.39
C LEU D 74 -7.64 -14.65 16.11
N LEU D 75 -8.39 -14.10 17.05
CA LEU D 75 -8.94 -12.77 16.85
C LEU D 75 -8.17 -11.82 17.75
N LEU D 76 -8.85 -10.98 18.53
CA LEU D 76 -8.15 -10.05 19.41
C LEU D 76 -7.65 -10.64 20.73
N THR D 77 -7.48 -9.83 21.77
CA THR D 77 -6.96 -10.34 23.02
C THR D 77 -7.54 -9.61 24.24
N ASN D 78 -8.81 -9.90 24.55
CA ASN D 78 -9.45 -9.25 25.68
C ASN D 78 -8.93 -9.85 26.95
N THR D 79 -7.75 -9.40 27.38
CA THR D 79 -7.11 -9.93 28.58
C THR D 79 -7.90 -9.67 29.86
N PHE D 80 -8.39 -8.44 30.01
CA PHE D 80 -9.14 -8.13 31.21
C PHE D 80 -10.44 -8.91 31.29
N GLY D 81 -11.28 -8.78 30.27
CA GLY D 81 -12.55 -9.47 30.25
C GLY D 81 -12.43 -10.97 30.30
N ALA D 82 -11.20 -11.46 30.16
CA ALA D 82 -10.93 -12.89 30.22
C ALA D 82 -10.87 -13.28 31.68
N ILE D 83 -10.10 -12.50 32.44
CA ILE D 83 -9.93 -12.71 33.87
C ILE D 83 -11.29 -12.58 34.57
N ASN D 84 -12.11 -11.67 34.06
CA ASN D 84 -13.43 -11.43 34.60
C ASN D 84 -14.46 -12.46 34.12
N TYR D 85 -13.97 -13.52 33.47
CA TYR D 85 -14.82 -14.62 32.99
C TYR D 85 -14.52 -15.80 33.87
N VAL D 86 -13.24 -15.95 34.23
CA VAL D 86 -12.78 -17.03 35.11
C VAL D 86 -13.49 -16.79 36.43
N ALA D 87 -13.66 -15.52 36.79
CA ALA D 87 -14.34 -15.13 38.01
C ALA D 87 -15.82 -15.50 37.94
N THR D 88 -16.61 -14.69 37.24
CA THR D 88 -18.05 -14.90 37.14
C THR D 88 -18.57 -16.18 36.50
N GLU D 89 -18.15 -16.54 35.30
CA GLU D 89 -18.70 -17.75 34.71
C GLU D 89 -17.75 -18.94 34.56
N VAL D 90 -16.99 -19.22 35.61
CA VAL D 90 -16.03 -20.34 35.61
C VAL D 90 -15.90 -21.00 36.99
N PHE D 91 -15.58 -20.18 37.98
CA PHE D 91 -15.41 -20.63 39.37
C PHE D 91 -16.72 -20.83 40.10
N ARG D 92 -17.83 -20.76 39.36
CA ARG D 92 -19.15 -20.94 39.94
C ARG D 92 -19.27 -22.37 40.43
N GLU D 93 -19.65 -22.53 41.71
CA GLU D 93 -19.80 -23.84 42.32
C GLU D 93 -20.61 -24.79 41.45
N GLU D 94 -21.61 -24.24 40.74
CA GLU D 94 -22.48 -25.03 39.86
C GLU D 94 -21.72 -25.97 38.93
N LEU D 95 -20.73 -25.44 38.21
CA LEU D 95 -19.96 -26.27 37.30
C LEU D 95 -19.32 -27.46 38.03
N GLY D 96 -18.38 -27.20 38.93
CA GLY D 96 -17.74 -28.28 39.65
C GLY D 96 -16.52 -27.87 40.44
N ALA D 97 -16.68 -26.86 41.29
CA ALA D 97 -15.59 -26.35 42.13
C ALA D 97 -15.82 -26.67 43.61
N ARG D 98 -14.72 -26.94 44.32
CA ARG D 98 -14.76 -27.26 45.75
C ARG D 98 -14.49 -26.00 46.58
N PRO D 99 -15.43 -25.60 47.47
CA PRO D 99 -15.34 -24.42 48.34
C PRO D 99 -14.06 -24.29 49.16
N ASP D 100 -13.78 -25.29 50.00
CA ASP D 100 -12.58 -25.28 50.84
C ASP D 100 -11.34 -25.64 50.01
N ALA D 101 -11.08 -24.84 48.98
CA ALA D 101 -9.94 -25.02 48.09
C ALA D 101 -9.51 -23.66 47.52
N THR D 102 -8.20 -23.51 47.29
CA THR D 102 -7.65 -22.26 46.76
C THR D 102 -7.81 -22.13 45.24
N LYS D 103 -8.46 -21.03 44.82
CA LYS D 103 -8.70 -20.75 43.40
C LYS D 103 -7.52 -20.05 42.69
N VAL D 104 -6.76 -20.84 41.93
CA VAL D 104 -5.60 -20.32 41.22
C VAL D 104 -5.96 -19.89 39.80
N LEU D 105 -5.16 -18.97 39.27
CA LEU D 105 -5.37 -18.42 37.95
C LEU D 105 -4.05 -18.44 37.18
N ILE D 106 -3.98 -19.28 36.15
CA ILE D 106 -2.79 -19.38 35.30
C ILE D 106 -3.12 -18.72 33.97
N ILE D 107 -2.74 -17.44 33.83
CA ILE D 107 -2.99 -16.68 32.60
C ILE D 107 -1.83 -16.87 31.64
N ILE D 108 -2.15 -17.17 30.39
CA ILE D 108 -1.14 -17.39 29.38
C ILE D 108 -1.44 -16.43 28.23
N THR D 109 -0.54 -15.48 28.01
CA THR D 109 -0.69 -14.49 26.95
C THR D 109 0.61 -13.70 26.73
N ASP D 110 0.84 -13.24 25.49
CA ASP D 110 2.05 -12.47 25.16
C ASP D 110 2.13 -11.14 25.90
N GLY D 111 1.13 -10.87 26.72
CA GLY D 111 1.07 -9.64 27.48
C GLY D 111 0.74 -8.42 26.65
N GLU D 112 -0.25 -8.58 25.77
CA GLU D 112 -0.68 -7.50 24.88
C GLU D 112 -2.21 -7.42 24.93
N ALA D 113 -2.72 -6.40 25.61
CA ALA D 113 -4.16 -6.25 25.74
C ALA D 113 -4.78 -5.48 24.58
N THR D 114 -6.00 -5.87 24.22
CA THR D 114 -6.77 -5.22 23.15
C THR D 114 -7.91 -4.40 23.75
N ASP D 115 -7.87 -4.28 25.07
CA ASP D 115 -8.87 -3.51 25.81
C ASP D 115 -8.33 -3.20 27.18
N SER D 116 -8.89 -2.18 27.82
CA SER D 116 -8.46 -1.80 29.16
C SER D 116 -9.62 -2.04 30.11
N GLY D 117 -9.54 -3.12 30.88
CA GLY D 117 -10.59 -3.43 31.81
C GLY D 117 -10.10 -3.33 33.25
N ASN D 118 -10.75 -4.06 34.14
CA ASN D 118 -10.38 -4.06 35.56
C ASN D 118 -10.67 -5.44 36.15
N ILE D 119 -9.70 -5.96 36.90
CA ILE D 119 -9.82 -7.27 37.52
C ILE D 119 -10.17 -7.25 39.00
N ASP D 120 -10.59 -6.10 39.52
CA ASP D 120 -10.96 -6.00 40.93
C ASP D 120 -12.04 -7.01 41.27
N ALA D 121 -12.78 -7.45 40.25
CA ALA D 121 -13.85 -8.42 40.43
C ALA D 121 -13.34 -9.82 40.85
N ALA D 122 -12.02 -9.96 40.95
CA ALA D 122 -11.39 -11.22 41.35
C ALA D 122 -9.91 -10.95 41.78
N LYS D 123 -9.67 -9.78 42.39
CA LYS D 123 -8.33 -9.36 42.85
C LYS D 123 -7.72 -10.26 43.92
N ASP D 124 -8.54 -11.18 44.42
CA ASP D 124 -8.14 -12.12 45.47
C ASP D 124 -7.52 -13.42 44.92
N ILE D 125 -7.84 -13.74 43.67
CA ILE D 125 -7.36 -14.96 43.00
C ILE D 125 -5.86 -15.00 42.74
N ILE D 126 -5.28 -16.19 42.91
CA ILE D 126 -3.85 -16.40 42.69
C ILE D 126 -3.54 -16.29 41.21
N ARG D 127 -2.98 -15.15 40.79
CA ARG D 127 -2.62 -14.93 39.39
C ARG D 127 -1.32 -15.63 39.00
N TYR D 128 -1.16 -15.90 37.71
CA TYR D 128 0.03 -16.59 37.21
C TYR D 128 0.19 -16.44 35.69
N ILE D 129 0.47 -15.20 35.25
CA ILE D 129 0.63 -14.91 33.83
C ILE D 129 2.00 -15.27 33.21
N ILE D 130 1.95 -15.95 32.07
CA ILE D 130 3.15 -16.40 31.37
C ILE D 130 3.29 -15.87 29.93
N GLY D 131 4.32 -15.04 29.72
CA GLY D 131 4.59 -14.48 28.41
C GLY D 131 4.94 -15.54 27.39
N ILE D 132 4.98 -15.16 26.10
CA ILE D 132 5.28 -16.12 25.05
C ILE D 132 5.61 -15.52 23.69
N GLY D 133 5.21 -14.28 23.46
CA GLY D 133 5.44 -13.64 22.17
C GLY D 133 6.79 -13.02 21.82
N LYS D 134 6.70 -11.77 21.36
CA LYS D 134 7.83 -10.95 20.93
C LYS D 134 7.53 -9.53 21.43
N HIS D 135 6.23 -9.19 21.43
CA HIS D 135 5.73 -7.88 21.85
C HIS D 135 6.22 -7.50 23.25
N PHE D 136 6.31 -8.48 24.15
CA PHE D 136 6.80 -8.30 25.53
C PHE D 136 8.25 -7.79 25.50
N GLN D 137 8.43 -6.54 25.05
CA GLN D 137 9.75 -5.89 25.17
C GLN D 137 9.97 -4.60 25.97
N THR D 138 9.52 -3.46 25.43
CA THR D 138 9.70 -2.16 26.10
C THR D 138 8.63 -1.79 27.12
N LYS D 139 8.98 -0.88 28.03
CA LYS D 139 8.09 -0.40 29.08
C LYS D 139 7.06 0.60 28.51
N GLU D 140 7.50 1.45 27.59
CA GLU D 140 6.68 2.49 26.94
C GLU D 140 5.33 1.97 26.43
N SER D 141 5.32 0.71 25.99
CA SER D 141 4.14 0.06 25.46
C SER D 141 3.77 -1.14 26.33
N GLN D 142 4.73 -2.05 26.52
CA GLN D 142 4.52 -3.24 27.34
C GLN D 142 4.76 -2.99 28.82
N GLU D 143 3.66 -2.97 29.57
CA GLU D 143 3.66 -2.73 31.01
C GLU D 143 2.55 -3.50 31.71
N THR D 144 1.51 -3.86 30.95
CA THR D 144 0.34 -4.58 31.48
C THR D 144 0.66 -5.99 32.03
N LEU D 145 1.90 -6.42 31.82
CA LEU D 145 2.37 -7.70 32.34
C LEU D 145 2.61 -7.49 33.85
N HIS D 146 2.59 -6.22 34.28
CA HIS D 146 2.77 -5.86 35.68
C HIS D 146 1.41 -5.64 36.35
N LYS D 147 0.41 -5.32 35.52
CA LYS D 147 -0.96 -5.07 35.96
C LYS D 147 -1.58 -6.18 36.79
N PHE D 148 -1.42 -7.42 36.32
CA PHE D 148 -1.98 -8.59 37.01
C PHE D 148 -0.97 -9.20 37.97
N ALA D 149 0.09 -8.45 38.27
CA ALA D 149 1.12 -8.91 39.20
C ALA D 149 0.62 -8.83 40.65
N SER D 150 1.11 -9.76 41.47
CA SER D 150 0.74 -9.85 42.87
C SER D 150 1.91 -9.47 43.81
N LYS D 151 2.83 -10.40 44.04
CA LYS D 151 3.98 -10.16 44.92
C LYS D 151 5.17 -9.57 44.14
N PRO D 152 6.14 -8.95 44.85
CA PRO D 152 7.35 -8.33 44.28
C PRO D 152 8.02 -9.10 43.13
N ALA D 153 8.64 -8.34 42.21
CA ALA D 153 9.30 -8.92 41.04
C ALA D 153 10.27 -10.03 41.43
N SER D 154 9.76 -11.27 41.34
CA SER D 154 10.51 -12.47 41.68
C SER D 154 10.44 -13.44 40.51
N GLU D 155 9.52 -14.39 40.63
CA GLU D 155 9.31 -15.39 39.59
C GLU D 155 7.88 -15.27 39.08
N PHE D 156 7.44 -14.04 38.88
CA PHE D 156 6.09 -13.76 38.37
C PHE D 156 6.19 -13.40 36.87
N VAL D 157 7.16 -12.54 36.57
CA VAL D 157 7.41 -12.08 35.21
C VAL D 157 8.92 -12.11 34.94
N LYS D 158 9.35 -13.11 34.17
CA LYS D 158 10.76 -13.26 33.82
C LYS D 158 10.93 -13.26 32.30
N ILE D 159 12.08 -13.72 31.84
CA ILE D 159 12.38 -13.77 30.41
C ILE D 159 11.60 -14.85 29.68
N LEU D 160 10.83 -15.65 30.42
CA LEU D 160 10.26 -16.93 29.90
C LEU D 160 9.21 -16.70 28.80
N ASP D 161 9.67 -16.21 27.64
CA ASP D 161 8.78 -15.97 26.49
C ASP D 161 8.53 -17.34 25.83
N THR D 162 8.93 -18.37 26.59
CA THR D 162 8.81 -19.77 26.25
C THR D 162 8.93 -20.40 27.64
N PHE D 163 7.78 -20.54 28.29
CA PHE D 163 7.66 -21.14 29.61
C PHE D 163 8.24 -22.56 29.65
N GLU D 164 8.61 -23.09 28.47
CA GLU D 164 9.23 -24.43 28.34
C GLU D 164 10.59 -24.35 29.02
N LYS D 165 11.14 -23.13 29.07
CA LYS D 165 12.40 -22.87 29.73
C LYS D 165 12.08 -22.86 31.23
N LEU D 166 11.71 -24.03 31.74
CA LEU D 166 11.35 -24.22 33.15
C LEU D 166 10.96 -25.68 33.35
N LYS D 167 11.47 -26.28 34.43
CA LYS D 167 11.17 -27.68 34.73
C LYS D 167 9.74 -27.86 35.26
N ASP D 168 9.52 -28.99 35.93
CA ASP D 168 8.22 -29.32 36.51
C ASP D 168 7.84 -28.40 37.66
N LEU D 169 6.85 -27.55 37.40
CA LEU D 169 6.34 -26.59 38.39
C LEU D 169 5.45 -27.25 39.46
N CYS D 170 5.77 -28.48 39.87
CA CYS D 170 4.94 -29.09 40.89
C CYS D 170 5.38 -28.49 42.20
N THR D 171 6.41 -29.06 42.83
CA THR D 171 6.91 -28.53 44.11
C THR D 171 7.36 -27.05 44.02
N GLU D 172 7.31 -26.50 42.79
CA GLU D 172 7.67 -25.10 42.56
C GLU D 172 6.43 -24.18 42.56
N LEU D 173 5.35 -24.64 41.95
CA LEU D 173 4.13 -23.84 41.90
C LEU D 173 3.35 -23.95 43.21
N GLN D 174 3.78 -24.86 44.08
CA GLN D 174 3.14 -25.02 45.38
C GLN D 174 3.76 -23.96 46.28
N LYS D 175 3.19 -22.75 46.24
CA LYS D 175 3.66 -21.62 47.04
C LYS D 175 2.81 -21.50 48.31
N LYS D 176 1.69 -22.21 48.29
CA LYS D 176 0.73 -22.26 49.38
C LYS D 176 -0.23 -23.42 49.06
N ILE D 177 0.32 -24.49 48.46
CA ILE D 177 -0.47 -25.65 48.07
C ILE D 177 -0.06 -26.88 48.90
#